data_9DOW
#
_entry.id   9DOW
#
_cell.length_a   1.00
_cell.length_b   1.00
_cell.length_c   1.00
_cell.angle_alpha   90.00
_cell.angle_beta   90.00
_cell.angle_gamma   90.00
#
_symmetry.space_group_name_H-M   'P 1'
#
loop_
_entity.id
_entity.type
_entity.pdbx_description
1 polymer 'Lysine--tRNA ligase'
2 polymer 'tRNA-Lys3 (Unmodified)'
3 non-polymer LYSINE
4 non-polymer 'ADENOSINE MONOPHOSPHATE'
5 non-polymer 'SODIUM ION'
#
loop_
_entity_poly.entity_id
_entity_poly.type
_entity_poly.pdbx_seq_one_letter_code
_entity_poly.pdbx_strand_id
1 'polypeptide(L)'
;MAAVQAAEVKVDGSEPKLSKNELKRRLKAEKKVAEKEAKQKELSEKQLSQATAAATNHTTDNGVGPEEESVDPNQYYKIR
SQAIHQLKVNGEDPYPHKFHVDISLTDFIQKYSHLQPGDHLTDITLKVAGRIHAKRASGGKLIFYDLRGEGVKLQVMANS
RNYKSEEEFIHINNKLRRGDIIGVQGNPGKTKKGELSIIPYEITLLSPCLHMLPHLHFGLKDKETRYRQRYLDLILNDFV
RQKFIIRSKIITYIRSFLDELGFLEIETPMMNIIPGGAVAKPFITYHNELDMNLYMRIAPELYHKMLVVGGIDRVYEIGR
QFRNEGIDLTHNPEFTTCEFYMAYADYHDLMEITEKMVSGMVKHITGSYKVTYHPDGPEGQAYDVDFTPPFRRINMVEEL
EKALGMKLPETNLFETEETRKILDDICVAKAVECPPPRTTARLLDKLVGEFLEVTCINPTFICDHPQIMSPLAKWHRSKE
GLTERFELFVMKKEICNAYTELNDPMRQRQLFEEQAKAKAAGDDEAMFIDENFCTALEYGLPPTAGWGMGIDRVAMFLTD
SNNIKEVLLFPAMKPEDKKENVATTDTLESTTVGTSV
;
A,B
2 'polyribonucleotide' GCCCGGAUAGCUCAGUCGGUAGAGCAUCAGACUUUUAAUCUGAGGGUCCAGGGUUCAAGUCCCUGUUCGGGCGCCA C
#
loop_
_chem_comp.id
_chem_comp.type
_chem_comp.name
_chem_comp.formula
A RNA linking ADENOSINE-5'-MONOPHOSPHATE 'C10 H14 N5 O7 P'
AMP non-polymer 'ADENOSINE MONOPHOSPHATE' 'C10 H14 N5 O7 P'
C RNA linking CYTIDINE-5'-MONOPHOSPHATE 'C9 H14 N3 O8 P'
G RNA linking GUANOSINE-5'-MONOPHOSPHATE 'C10 H14 N5 O8 P'
NA non-polymer 'SODIUM ION' 'Na 1'
U RNA linking URIDINE-5'-MONOPHOSPHATE 'C9 H13 N2 O9 P'
#
# COMPACT_ATOMS: atom_id res chain seq x y z
N ASP A 72 -2.53 15.48 -40.81
CA ASP A 72 -3.02 14.14 -41.12
C ASP A 72 -2.76 13.20 -39.94
N PRO A 73 -3.79 12.46 -39.54
CA PRO A 73 -3.66 11.57 -38.38
C PRO A 73 -2.73 10.40 -38.64
N ASN A 74 -2.77 9.85 -39.85
CA ASN A 74 -2.03 8.65 -40.20
C ASN A 74 -0.74 8.99 -40.94
N GLN A 75 -0.80 9.90 -41.91
CA GLN A 75 0.37 10.21 -42.73
C GLN A 75 1.50 10.81 -41.91
N TYR A 76 1.16 11.62 -40.90
CA TYR A 76 2.19 12.20 -40.04
C TYR A 76 2.97 11.11 -39.31
N TYR A 77 2.26 10.11 -38.76
CA TYR A 77 2.93 9.02 -38.08
C TYR A 77 3.85 8.26 -39.02
N LYS A 78 3.39 7.95 -40.23
CA LYS A 78 4.21 7.23 -41.19
C LYS A 78 5.44 8.04 -41.58
N ILE A 79 5.27 9.33 -41.82
CA ILE A 79 6.39 10.18 -42.22
C ILE A 79 7.42 10.26 -41.09
N ARG A 80 6.95 10.47 -39.86
CA ARG A 80 7.87 10.56 -38.74
C ARG A 80 8.60 9.24 -38.50
N SER A 81 7.87 8.12 -38.61
CA SER A 81 8.51 6.81 -38.44
C SER A 81 9.55 6.56 -39.52
N GLN A 82 9.25 6.93 -40.77
CA GLN A 82 10.22 6.78 -41.84
C GLN A 82 11.45 7.64 -41.59
N ALA A 83 11.25 8.88 -41.14
CA ALA A 83 12.38 9.75 -40.84
C ALA A 83 13.24 9.19 -39.72
N ILE A 84 12.61 8.66 -38.67
CA ILE A 84 13.38 8.10 -37.56
C ILE A 84 14.12 6.85 -37.99
N HIS A 85 13.49 6.01 -38.82
CA HIS A 85 14.17 4.83 -39.34
C HIS A 85 15.36 5.22 -40.21
N GLN A 86 15.21 6.25 -41.03
CA GLN A 86 16.32 6.73 -41.84
C GLN A 86 17.45 7.26 -40.96
N LEU A 87 17.10 7.97 -39.89
CA LEU A 87 18.13 8.44 -38.95
C LEU A 87 18.86 7.26 -38.32
N LYS A 88 18.11 6.23 -37.93
CA LYS A 88 18.74 5.04 -37.34
C LYS A 88 19.66 4.34 -38.33
N VAL A 89 19.28 4.34 -39.60
CA VAL A 89 20.06 3.61 -40.61
C VAL A 89 21.45 4.21 -40.76
N ASN A 90 21.53 5.53 -40.94
CA ASN A 90 22.82 6.17 -41.23
C ASN A 90 23.51 6.64 -39.96
N GLY A 91 23.62 5.77 -38.98
CA GLY A 91 24.43 6.03 -37.80
C GLY A 91 24.05 7.28 -37.03
N GLU A 92 22.75 7.57 -36.90
CA GLU A 92 22.26 8.72 -36.15
C GLU A 92 21.24 8.21 -35.16
N ASP A 93 21.70 7.82 -33.98
CA ASP A 93 20.83 7.22 -32.98
C ASP A 93 19.93 8.28 -32.35
N PRO A 94 18.60 8.13 -32.44
CA PRO A 94 17.69 9.07 -31.77
C PRO A 94 17.32 8.68 -30.35
N TYR A 95 17.91 7.62 -29.79
CA TYR A 95 17.63 7.16 -28.43
C TYR A 95 18.95 6.98 -27.69
N PRO A 96 19.61 8.06 -27.31
CA PRO A 96 20.85 7.94 -26.53
C PRO A 96 20.57 7.33 -25.16
N HIS A 97 21.55 6.59 -24.65
CA HIS A 97 21.35 5.85 -23.41
C HIS A 97 21.31 6.77 -22.20
N LYS A 98 22.20 7.77 -22.15
CA LYS A 98 22.34 8.61 -20.97
C LYS A 98 22.45 10.07 -21.36
N PHE A 99 21.72 10.92 -20.63
CA PHE A 99 21.87 12.36 -20.70
C PHE A 99 22.03 12.90 -19.28
N HIS A 100 23.05 13.71 -19.06
CA HIS A 100 23.37 14.21 -17.72
C HIS A 100 22.65 15.54 -17.51
N VAL A 101 21.52 15.48 -16.80
CA VAL A 101 20.75 16.68 -16.49
C VAL A 101 21.36 17.30 -15.24
N ASP A 102 22.16 18.36 -15.43
CA ASP A 102 22.83 19.00 -14.31
C ASP A 102 21.84 19.65 -13.35
N ILE A 103 20.83 20.32 -13.87
CA ILE A 103 19.88 21.07 -13.05
C ILE A 103 18.47 20.85 -13.60
N SER A 104 17.51 20.72 -12.70
CA SER A 104 16.11 20.60 -13.10
C SER A 104 15.56 21.96 -13.53
N LEU A 105 14.44 21.93 -14.24
CA LEU A 105 13.84 23.15 -14.75
C LEU A 105 13.39 24.07 -13.61
N THR A 106 12.80 23.49 -12.56
CA THR A 106 12.30 24.31 -11.45
C THR A 106 13.44 25.03 -10.75
N ASP A 107 14.54 24.32 -10.49
CA ASP A 107 15.72 24.96 -9.85
C ASP A 107 16.24 26.07 -10.77
N PHE A 108 16.35 25.78 -12.07
CA PHE A 108 16.84 26.78 -13.02
C PHE A 108 16.01 28.05 -12.96
N ILE A 109 14.67 27.90 -12.97
CA ILE A 109 13.79 29.06 -12.95
C ILE A 109 13.91 29.80 -11.63
N GLN A 110 14.00 29.06 -10.52
CA GLN A 110 14.12 29.69 -9.21
C GLN A 110 15.42 30.47 -9.09
N LYS A 111 16.52 29.92 -9.62
CA LYS A 111 17.82 30.57 -9.47
C LYS A 111 17.98 31.75 -10.42
N TYR A 112 17.88 31.50 -11.72
CA TYR A 112 18.25 32.50 -12.72
C TYR A 112 17.09 33.41 -13.11
N SER A 113 16.10 33.58 -12.23
CA SER A 113 15.03 34.54 -12.48
C SER A 113 15.42 35.96 -12.14
N HIS A 114 16.53 36.16 -11.42
CA HIS A 114 16.95 37.50 -11.04
C HIS A 114 17.54 38.28 -12.21
N LEU A 115 17.77 37.62 -13.35
CA LEU A 115 18.34 38.30 -14.50
C LEU A 115 17.38 39.36 -15.04
N GLN A 116 17.95 40.43 -15.56
CA GLN A 116 17.22 41.52 -16.20
C GLN A 116 16.94 41.18 -17.66
N PRO A 117 15.98 41.85 -18.29
CA PRO A 117 15.74 41.63 -19.72
C PRO A 117 16.97 41.93 -20.56
N GLY A 118 17.17 41.12 -21.60
CA GLY A 118 18.29 41.30 -22.50
C GLY A 118 19.65 41.03 -21.88
N ASP A 119 19.76 39.96 -21.11
CA ASP A 119 21.04 39.56 -20.54
C ASP A 119 21.46 38.23 -21.14
N HIS A 120 22.76 37.93 -21.00
CA HIS A 120 23.32 36.68 -21.50
C HIS A 120 24.47 36.28 -20.58
N LEU A 121 24.23 35.29 -19.74
CA LEU A 121 25.25 34.80 -18.81
C LEU A 121 26.10 33.75 -19.53
N THR A 122 27.03 34.24 -20.34
CA THR A 122 27.87 33.36 -21.14
C THR A 122 28.82 32.52 -20.29
N ASP A 123 29.07 32.91 -19.04
CA ASP A 123 30.01 32.17 -18.21
C ASP A 123 29.45 30.81 -17.80
N ILE A 124 28.15 30.75 -17.51
CA ILE A 124 27.54 29.54 -16.98
C ILE A 124 26.91 28.73 -18.10
N THR A 125 27.19 27.43 -18.10
CA THR A 125 26.62 26.50 -19.07
C THR A 125 26.04 25.31 -18.30
N LEU A 126 24.76 25.03 -18.52
CA LEU A 126 24.07 23.96 -17.82
C LEU A 126 23.31 23.09 -18.81
N LYS A 127 23.02 21.87 -18.38
CA LYS A 127 22.27 20.89 -19.17
C LYS A 127 20.90 20.69 -18.54
N VAL A 128 19.86 20.79 -19.37
CA VAL A 128 18.49 20.51 -18.96
C VAL A 128 17.87 19.58 -20.00
N ALA A 129 16.71 19.03 -19.65
CA ALA A 129 16.01 18.15 -20.56
C ALA A 129 14.51 18.38 -20.42
N GLY A 130 13.78 18.16 -21.51
CA GLY A 130 12.35 18.35 -21.45
C GLY A 130 11.70 18.11 -22.80
N ARG A 131 10.38 18.26 -22.80
CA ARG A 131 9.56 18.02 -23.99
C ARG A 131 9.14 19.35 -24.60
N ILE A 132 9.41 19.50 -25.90
CA ILE A 132 9.04 20.72 -26.61
C ILE A 132 7.52 20.81 -26.70
N HIS A 133 6.97 21.99 -26.43
CA HIS A 133 5.54 22.22 -26.57
C HIS A 133 5.19 23.27 -27.61
N ALA A 134 6.17 23.98 -28.17
CA ALA A 134 5.91 24.94 -29.23
C ALA A 134 7.19 25.16 -30.02
N LYS A 135 7.04 25.64 -31.25
CA LYS A 135 8.18 25.90 -32.11
C LYS A 135 7.84 27.11 -32.98
N ARG A 136 8.41 28.26 -32.64
CA ARG A 136 8.23 29.49 -33.40
C ARG A 136 9.46 29.75 -34.25
N ALA A 137 9.26 30.07 -35.51
CA ALA A 137 10.35 30.33 -36.46
C ALA A 137 10.35 31.83 -36.75
N SER A 138 11.04 32.60 -35.91
CA SER A 138 11.16 34.03 -36.11
C SER A 138 12.11 34.39 -37.25
N GLY A 139 12.83 33.41 -37.79
CA GLY A 139 13.74 33.67 -38.88
C GLY A 139 14.44 32.40 -39.30
N GLY A 140 15.40 32.55 -40.22
CA GLY A 140 16.17 31.41 -40.68
C GLY A 140 17.20 30.92 -39.67
N LYS A 141 17.56 31.76 -38.71
CA LYS A 141 18.59 31.42 -37.73
C LYS A 141 18.14 31.56 -36.29
N LEU A 142 16.87 31.92 -36.05
CA LEU A 142 16.34 32.11 -34.71
C LEU A 142 15.09 31.27 -34.55
N ILE A 143 15.11 30.31 -33.64
CA ILE A 143 13.98 29.42 -33.40
C ILE A 143 13.70 29.37 -31.91
N PHE A 144 12.43 29.49 -31.53
CA PHE A 144 12.02 29.46 -30.14
C PHE A 144 11.28 28.16 -29.84
N TYR A 145 11.82 27.39 -28.89
CA TYR A 145 11.17 26.19 -28.37
C TYR A 145 10.63 26.49 -26.97
N ASP A 146 9.75 25.62 -26.49
CA ASP A 146 9.18 25.80 -25.15
C ASP A 146 9.25 24.45 -24.43
N LEU A 147 10.35 24.24 -23.70
CA LEU A 147 10.48 23.04 -22.89
C LEU A 147 9.44 23.08 -21.78
N ARG A 148 8.84 21.94 -21.47
CA ARG A 148 7.82 21.84 -20.43
C ARG A 148 8.13 20.62 -19.58
N GLY A 149 8.53 20.84 -18.34
CA GLY A 149 8.84 19.73 -17.44
C GLY A 149 8.56 20.13 -16.01
N GLU A 150 8.28 19.11 -15.19
CA GLU A 150 7.94 19.29 -13.78
C GLU A 150 6.75 20.22 -13.58
N GLY A 151 5.88 20.32 -14.59
CA GLY A 151 4.74 21.21 -14.51
C GLY A 151 5.04 22.66 -14.77
N VAL A 152 6.24 23.00 -15.24
CA VAL A 152 6.63 24.38 -15.48
C VAL A 152 7.30 24.48 -16.85
N LYS A 153 7.20 25.67 -17.44
CA LYS A 153 7.73 25.85 -18.81
C LYS A 153 9.01 26.69 -18.78
N LEU A 154 9.80 26.60 -19.84
CA LEU A 154 11.04 27.35 -20.00
C LEU A 154 11.31 27.51 -21.48
N GLN A 155 11.46 28.75 -21.94
CA GLN A 155 11.71 29.00 -23.35
C GLN A 155 13.18 28.75 -23.69
N VAL A 156 13.42 28.21 -24.88
CA VAL A 156 14.76 27.98 -25.40
C VAL A 156 14.90 28.77 -26.69
N MET A 157 15.87 29.67 -26.72
CA MET A 157 16.09 30.56 -27.86
C MET A 157 17.31 30.07 -28.62
N ALA A 158 17.08 29.23 -29.63
CA ALA A 158 18.15 28.68 -30.45
C ALA A 158 18.56 29.71 -31.49
N ASN A 159 19.77 30.22 -31.36
CA ASN A 159 20.33 31.20 -32.29
C ASN A 159 21.59 30.61 -32.92
N SER A 160 21.72 30.79 -34.24
CA SER A 160 22.81 30.16 -34.96
C SER A 160 24.17 30.70 -34.52
N ARG A 161 24.26 32.00 -34.24
CA ARG A 161 25.55 32.58 -33.88
C ARG A 161 26.09 32.01 -32.57
N ASN A 162 25.20 31.60 -31.66
CA ASN A 162 25.61 31.02 -30.39
C ASN A 162 25.66 29.49 -30.43
N TYR A 163 25.37 28.88 -31.56
CA TYR A 163 25.41 27.43 -31.69
C TYR A 163 26.83 26.98 -32.03
N LYS A 164 27.02 25.66 -32.09
CA LYS A 164 28.33 25.12 -32.46
C LYS A 164 28.72 25.52 -33.86
N SER A 165 27.78 25.40 -34.81
CA SER A 165 28.04 25.76 -36.19
C SER A 165 26.70 25.95 -36.89
N GLU A 166 26.74 26.68 -38.01
CA GLU A 166 25.53 26.91 -38.79
C GLU A 166 24.98 25.60 -39.35
N GLU A 167 25.88 24.74 -39.87
CA GLU A 167 25.44 23.46 -40.43
C GLU A 167 24.79 22.59 -39.37
N GLU A 168 25.42 22.50 -38.20
CA GLU A 168 24.83 21.72 -37.10
C GLU A 168 23.50 22.32 -36.67
N PHE A 169 23.41 23.65 -36.65
CA PHE A 169 22.18 24.32 -36.27
C PHE A 169 21.03 23.95 -37.21
N ILE A 170 21.25 24.10 -38.52
CA ILE A 170 20.18 23.81 -39.46
C ILE A 170 19.90 22.32 -39.52
N HIS A 171 20.89 21.48 -39.18
CA HIS A 171 20.66 20.04 -39.16
C HIS A 171 19.77 19.66 -37.97
N ILE A 172 20.07 20.19 -36.79
CA ILE A 172 19.31 19.79 -35.60
C ILE A 172 17.91 20.40 -35.62
N ASN A 173 17.78 21.61 -36.17
CA ASN A 173 16.46 22.25 -36.18
C ASN A 173 15.48 21.53 -37.09
N ASN A 174 15.99 20.92 -38.16
CA ASN A 174 15.10 20.21 -39.09
C ASN A 174 14.45 19.01 -38.44
N LYS A 175 15.20 18.26 -37.63
CA LYS A 175 14.70 17.01 -37.07
C LYS A 175 13.86 17.19 -35.82
N LEU A 176 13.76 18.41 -35.29
CA LEU A 176 13.02 18.67 -34.06
C LEU A 176 11.64 19.22 -34.38
N ARG A 177 10.61 18.64 -33.77
CA ARG A 177 9.23 19.08 -33.92
C ARG A 177 8.60 19.19 -32.54
N ARG A 178 7.29 19.44 -32.52
CA ARG A 178 6.58 19.54 -31.26
C ARG A 178 6.46 18.18 -30.59
N GLY A 179 6.55 18.18 -29.27
CA GLY A 179 6.42 16.97 -28.48
C GLY A 179 7.67 16.14 -28.35
N ASP A 180 8.77 16.53 -29.02
CA ASP A 180 10.02 15.80 -28.91
C ASP A 180 10.62 15.95 -27.52
N ILE A 181 11.26 14.90 -27.04
CA ILE A 181 11.99 14.92 -25.78
C ILE A 181 13.45 15.18 -26.11
N ILE A 182 13.97 16.33 -25.67
CA ILE A 182 15.30 16.79 -26.07
C ILE A 182 16.09 17.16 -24.82
N GLY A 183 17.41 17.27 -25.01
CA GLY A 183 18.31 17.72 -23.99
C GLY A 183 19.11 18.93 -24.44
N VAL A 184 18.89 20.05 -23.80
CA VAL A 184 19.54 21.32 -24.13
C VAL A 184 20.77 21.49 -23.27
N GLN A 185 21.83 22.05 -23.85
CA GLN A 185 23.05 22.42 -23.13
C GLN A 185 23.37 23.85 -23.50
N GLY A 186 23.13 24.78 -22.58
CA GLY A 186 23.26 26.18 -22.91
C GLY A 186 23.48 27.13 -21.75
N ASN A 187 23.44 28.42 -22.04
CA ASN A 187 23.69 29.51 -21.10
C ASN A 187 22.41 30.27 -20.77
N PRO A 188 22.18 30.62 -19.52
CA PRO A 188 20.97 31.36 -19.16
C PRO A 188 20.99 32.78 -19.69
N GLY A 189 19.81 33.36 -19.79
CA GLY A 189 19.69 34.75 -20.19
C GLY A 189 18.24 35.13 -20.34
N LYS A 190 18.04 36.33 -20.88
CA LYS A 190 16.70 36.83 -21.16
C LYS A 190 16.71 37.59 -22.48
N THR A 191 15.53 37.65 -23.10
CA THR A 191 15.38 38.35 -24.37
C THR A 191 15.11 39.83 -24.13
N LYS A 192 14.95 40.58 -25.22
CA LYS A 192 14.66 42.00 -25.11
C LYS A 192 13.30 42.23 -24.46
N LYS A 193 12.30 41.42 -24.81
CA LYS A 193 11.00 41.54 -24.17
C LYS A 193 11.05 41.13 -22.71
N GLY A 194 11.94 40.22 -22.36
CA GLY A 194 12.10 39.78 -20.99
C GLY A 194 11.46 38.43 -20.72
N GLU A 195 12.29 37.39 -20.71
CA GLU A 195 11.84 36.03 -20.43
C GLU A 195 13.03 35.13 -20.15
N LEU A 196 12.99 34.39 -19.05
CA LEU A 196 14.08 33.48 -18.71
C LEU A 196 14.21 32.39 -19.77
N SER A 197 15.29 32.42 -20.54
CA SER A 197 15.51 31.47 -21.61
C SER A 197 16.95 31.00 -21.58
N ILE A 198 17.15 29.74 -21.96
CA ILE A 198 18.48 29.15 -22.05
C ILE A 198 18.87 29.10 -23.53
N ILE A 199 19.89 29.88 -23.89
CA ILE A 199 20.41 29.88 -25.25
C ILE A 199 21.25 28.63 -25.42
N PRO A 200 20.89 27.72 -26.32
CA PRO A 200 21.59 26.44 -26.39
C PRO A 200 22.94 26.56 -27.08
N TYR A 201 23.85 25.68 -26.67
CA TYR A 201 25.11 25.48 -27.38
C TYR A 201 25.12 24.21 -28.21
N GLU A 202 24.37 23.19 -27.78
CA GLU A 202 24.22 21.96 -28.54
C GLU A 202 22.97 21.24 -28.05
N ILE A 203 21.99 21.08 -28.92
CA ILE A 203 20.73 20.41 -28.59
C ILE A 203 20.84 18.95 -29.00
N THR A 204 20.58 18.05 -28.06
CA THR A 204 20.66 16.61 -28.29
C THR A 204 19.27 16.01 -28.20
N LEU A 205 18.87 15.30 -29.26
CA LEU A 205 17.58 14.62 -29.25
C LEU A 205 17.67 13.38 -28.37
N LEU A 206 16.70 13.23 -27.47
CA LEU A 206 16.66 12.11 -26.53
C LEU A 206 15.61 11.07 -26.90
N SER A 207 14.40 11.51 -27.24
CA SER A 207 13.31 10.60 -27.59
C SER A 207 12.38 11.31 -28.55
N PRO A 208 12.39 10.94 -29.83
CA PRO A 208 11.47 11.54 -30.78
C PRO A 208 10.03 11.14 -30.51
N CYS A 209 9.12 12.02 -30.88
CA CYS A 209 7.68 11.80 -30.73
C CYS A 209 7.09 11.54 -32.12
N LEU A 210 6.71 10.28 -32.37
CA LEU A 210 6.20 9.91 -33.68
C LEU A 210 4.77 10.40 -33.89
N HIS A 211 3.94 10.30 -32.86
CA HIS A 211 2.51 10.60 -32.99
C HIS A 211 2.26 12.10 -32.89
N MET A 212 1.05 12.48 -33.28
CA MET A 212 0.63 13.88 -33.21
C MET A 212 0.37 14.32 -31.78
N LEU A 213 0.85 15.52 -31.44
CA LEU A 213 0.43 16.22 -30.23
C LEU A 213 -0.37 17.45 -30.62
N PRO A 214 -1.70 17.45 -30.44
CA PRO A 214 -2.49 18.62 -30.82
C PRO A 214 -2.14 19.84 -30.00
N HIS A 215 -2.25 21.01 -30.62
CA HIS A 215 -2.05 22.29 -29.94
C HIS A 215 -3.42 22.85 -29.57
N LEU A 216 -3.99 22.29 -28.51
CA LEU A 216 -5.30 22.67 -28.03
C LEU A 216 -5.17 23.71 -26.92
N HIS A 217 -5.70 24.90 -27.16
CA HIS A 217 -5.77 25.90 -26.11
C HIS A 217 -6.82 25.49 -25.08
N PHE A 218 -6.65 25.99 -23.85
CA PHE A 218 -7.50 25.71 -22.71
C PHE A 218 -7.45 24.24 -22.28
N GLY A 219 -6.55 23.45 -22.84
CA GLY A 219 -6.37 22.07 -22.43
C GLY A 219 -7.35 21.13 -23.10
N LEU A 220 -7.08 19.84 -22.94
CA LEU A 220 -7.96 18.80 -23.47
C LEU A 220 -9.27 18.79 -22.70
N LYS A 221 -10.37 18.60 -23.42
CA LYS A 221 -11.70 18.60 -22.83
C LYS A 221 -12.49 17.33 -23.08
N ASP A 222 -12.14 16.52 -24.07
CA ASP A 222 -12.84 15.27 -24.35
C ASP A 222 -12.62 14.30 -23.19
N LYS A 223 -13.65 14.07 -22.39
CA LYS A 223 -13.51 13.20 -21.23
C LYS A 223 -13.66 11.73 -21.61
N GLU A 224 -12.95 11.31 -22.64
CA GLU A 224 -12.85 9.90 -23.01
C GLU A 224 -11.41 9.46 -23.22
N THR A 225 -10.58 10.31 -23.82
CA THR A 225 -9.16 10.01 -23.96
C THR A 225 -8.37 10.49 -22.75
N ARG A 226 -8.96 11.36 -21.93
CA ARG A 226 -8.30 11.78 -20.70
C ARG A 226 -8.11 10.60 -19.75
N TYR A 227 -9.12 9.74 -19.65
CA TYR A 227 -9.06 8.60 -18.75
C TYR A 227 -8.46 7.37 -19.39
N ARG A 228 -8.70 7.15 -20.68
CA ARG A 228 -8.12 6.02 -21.40
C ARG A 228 -6.64 6.22 -21.72
N GLN A 229 -6.23 7.45 -21.99
CA GLN A 229 -4.83 7.79 -22.22
C GLN A 229 -4.41 8.83 -21.18
N ARG A 230 -3.98 8.35 -20.01
CA ARG A 230 -3.65 9.26 -18.92
C ARG A 230 -2.40 10.07 -19.23
N TYR A 231 -1.46 9.49 -19.97
CA TYR A 231 -0.23 10.20 -20.32
C TYR A 231 -0.54 11.42 -21.18
N LEU A 232 -1.48 11.29 -22.11
CA LEU A 232 -1.91 12.43 -22.92
C LEU A 232 -2.53 13.51 -22.04
N ASP A 233 -3.35 13.11 -21.06
CA ASP A 233 -3.95 14.08 -20.16
C ASP A 233 -2.89 14.82 -19.35
N LEU A 234 -1.86 14.10 -18.88
CA LEU A 234 -0.78 14.74 -18.14
C LEU A 234 0.02 15.68 -19.03
N ILE A 235 0.25 15.30 -20.28
CA ILE A 235 1.03 16.14 -21.18
C ILE A 235 0.27 17.42 -21.50
N LEU A 236 -1.02 17.30 -21.84
CA LEU A 236 -1.78 18.47 -22.28
C LEU A 236 -2.31 19.28 -21.10
N ASN A 237 -2.91 18.60 -20.12
CA ASN A 237 -3.48 19.27 -18.95
C ASN A 237 -2.50 19.24 -17.79
N ASP A 238 -2.49 20.31 -17.00
CA ASP A 238 -1.55 20.46 -15.91
C ASP A 238 -2.15 20.29 -14.52
N PHE A 239 -3.47 20.41 -14.38
CA PHE A 239 -4.09 20.28 -13.07
C PHE A 239 -4.18 18.84 -12.59
N VAL A 240 -4.11 17.87 -13.49
CA VAL A 240 -4.15 16.47 -13.07
C VAL A 240 -2.93 16.11 -12.23
N ARG A 241 -1.77 16.69 -12.56
CA ARG A 241 -0.58 16.47 -11.75
C ARG A 241 -0.80 17.01 -10.34
N GLN A 242 -1.42 18.18 -10.22
CA GLN A 242 -1.72 18.72 -8.91
C GLN A 242 -2.71 17.82 -8.16
N LYS A 243 -3.70 17.28 -8.87
CA LYS A 243 -4.66 16.37 -8.23
C LYS A 243 -3.96 15.15 -7.65
N PHE A 244 -3.08 14.53 -8.45
CA PHE A 244 -2.39 13.34 -7.97
C PHE A 244 -1.41 13.67 -6.84
N ILE A 245 -0.77 14.84 -6.92
CA ILE A 245 0.12 15.27 -5.85
C ILE A 245 -0.68 15.45 -4.55
N ILE A 246 -1.87 16.04 -4.65
CA ILE A 246 -2.71 16.23 -3.47
C ILE A 246 -3.15 14.90 -2.89
N ARG A 247 -3.49 13.94 -3.76
CA ARG A 247 -3.86 12.61 -3.27
C ARG A 247 -2.71 11.95 -2.53
N SER A 248 -1.50 12.02 -3.10
CA SER A 248 -0.33 11.45 -2.45
C SER A 248 -0.05 12.14 -1.12
N LYS A 249 -0.23 13.46 -1.07
CA LYS A 249 -0.03 14.21 0.16
C LYS A 249 -1.05 13.80 1.22
N ILE A 250 -2.29 13.55 0.80
CA ILE A 250 -3.31 13.08 1.75
C ILE A 250 -2.90 11.73 2.34
N ILE A 251 -2.44 10.82 1.48
CA ILE A 251 -2.00 9.50 1.95
C ILE A 251 -0.84 9.65 2.93
N THR A 252 0.13 10.51 2.58
CA THR A 252 1.29 10.72 3.43
C THR A 252 0.90 11.32 4.78
N TYR A 253 -0.02 12.29 4.78
CA TYR A 253 -0.46 12.89 6.03
C TYR A 253 -1.17 11.88 6.91
N ILE A 254 -2.02 11.02 6.33
CA ILE A 254 -2.69 9.99 7.11
C ILE A 254 -1.66 9.05 7.72
N ARG A 255 -0.69 8.61 6.92
CA ARG A 255 0.36 7.73 7.43
C ARG A 255 1.11 8.38 8.58
N SER A 256 1.50 9.64 8.41
CA SER A 256 2.29 10.32 9.43
C SER A 256 1.49 10.50 10.72
N PHE A 257 0.21 10.86 10.60
CA PHE A 257 -0.62 11.05 11.78
C PHE A 257 -0.80 9.74 12.53
N LEU A 258 -1.13 8.67 11.82
CA LEU A 258 -1.35 7.39 12.50
C LEU A 258 -0.05 6.84 13.09
N ASP A 259 1.08 7.07 12.42
CA ASP A 259 2.36 6.65 12.99
C ASP A 259 2.73 7.46 14.22
N GLU A 260 2.41 8.75 14.22
CA GLU A 260 2.67 9.58 15.40
C GLU A 260 1.82 9.11 16.57
N LEU A 261 0.57 8.72 16.31
CA LEU A 261 -0.27 8.20 17.38
C LEU A 261 0.23 6.87 17.93
N GLY A 262 1.17 6.22 17.27
CA GLY A 262 1.72 4.97 17.73
C GLY A 262 1.22 3.72 17.01
N PHE A 263 0.46 3.87 15.93
CA PHE A 263 -0.09 2.73 15.22
C PHE A 263 1.01 1.99 14.45
N LEU A 264 0.73 0.73 14.14
CA LEU A 264 1.66 -0.12 13.40
C LEU A 264 1.03 -0.48 12.06
N GLU A 265 1.75 -0.19 10.98
CA GLU A 265 1.25 -0.50 9.64
C GLU A 265 1.37 -1.99 9.37
N ILE A 266 0.30 -2.59 8.87
CA ILE A 266 0.23 -4.02 8.60
C ILE A 266 -0.22 -4.23 7.16
N GLU A 267 -0.03 -5.48 6.69
CA GLU A 267 -0.40 -5.88 5.34
C GLU A 267 -1.13 -7.22 5.42
N THR A 268 -2.46 -7.16 5.50
CA THR A 268 -3.28 -8.35 5.58
C THR A 268 -3.43 -9.00 4.22
N PRO A 269 -3.66 -10.32 4.18
CA PRO A 269 -3.80 -11.01 2.89
C PRO A 269 -4.98 -10.48 2.08
N MET A 270 -4.79 -10.45 0.76
CA MET A 270 -5.83 -10.05 -0.17
C MET A 270 -6.61 -11.22 -0.74
N MET A 271 -6.23 -12.45 -0.41
CA MET A 271 -6.87 -13.66 -0.91
C MET A 271 -7.46 -14.42 0.28
N ASN A 272 -8.72 -14.14 0.59
CA ASN A 272 -9.40 -14.77 1.71
C ASN A 272 -10.04 -16.08 1.27
N ILE A 273 -9.91 -17.10 2.12
CA ILE A 273 -10.52 -18.39 1.80
C ILE A 273 -12.04 -18.30 1.83
N ILE A 274 -12.58 -17.71 2.89
CA ILE A 274 -14.02 -17.50 2.99
C ILE A 274 -14.37 -16.13 2.42
N PRO A 275 -15.32 -16.04 1.48
CA PRO A 275 -15.70 -14.74 0.93
C PRO A 275 -16.20 -13.77 1.98
N GLY A 276 -16.97 -14.29 2.95
CA GLY A 276 -17.55 -13.47 3.98
C GLY A 276 -19.05 -13.32 3.82
N GLY A 277 -19.73 -13.02 4.92
CA GLY A 277 -21.17 -12.84 4.88
C GLY A 277 -21.59 -11.44 4.51
N ALA A 278 -20.83 -10.80 3.62
CA ALA A 278 -21.09 -9.44 3.20
C ALA A 278 -21.94 -9.42 1.93
N VAL A 279 -22.73 -8.36 1.79
CA VAL A 279 -23.59 -8.22 0.61
C VAL A 279 -22.76 -8.02 -0.65
N ALA A 280 -21.63 -7.32 -0.53
CA ALA A 280 -20.79 -7.00 -1.67
C ALA A 280 -20.31 -8.28 -2.37
N LYS A 281 -20.43 -8.27 -3.69
CA LYS A 281 -20.04 -9.45 -4.48
C LYS A 281 -18.52 -9.58 -4.51
N PRO A 282 -17.97 -10.75 -4.21
CA PRO A 282 -16.52 -10.94 -4.25
C PRO A 282 -16.02 -11.35 -5.63
N PHE A 283 -14.75 -11.05 -5.88
CA PHE A 283 -14.08 -11.42 -7.12
C PHE A 283 -13.57 -12.85 -6.99
N ILE A 284 -14.31 -13.78 -7.57
CA ILE A 284 -13.97 -15.19 -7.46
C ILE A 284 -12.75 -15.48 -8.33
N THR A 285 -11.75 -16.13 -7.75
CA THR A 285 -10.52 -16.47 -8.43
C THR A 285 -10.19 -17.93 -8.16
N TYR A 286 -9.56 -18.60 -9.13
CA TYR A 286 -9.23 -20.01 -9.01
C TYR A 286 -7.72 -20.17 -8.84
N HIS A 287 -7.33 -20.98 -7.87
CA HIS A 287 -5.93 -21.35 -7.65
C HIS A 287 -5.75 -22.79 -8.10
N ASN A 288 -4.94 -22.99 -9.16
CA ASN A 288 -4.79 -24.31 -9.76
C ASN A 288 -3.90 -25.21 -8.92
N GLU A 289 -2.84 -24.65 -8.32
CA GLU A 289 -1.93 -25.48 -7.53
C GLU A 289 -2.65 -26.10 -6.33
N LEU A 290 -3.48 -25.31 -5.65
CA LEU A 290 -4.31 -25.81 -4.56
C LEU A 290 -5.74 -26.07 -5.00
N ASP A 291 -5.99 -26.05 -6.32
CA ASP A 291 -7.26 -26.35 -6.99
C ASP A 291 -8.47 -25.91 -6.17
N MET A 292 -8.46 -24.66 -5.72
CA MET A 292 -9.50 -24.17 -4.81
C MET A 292 -9.80 -22.71 -5.13
N ASN A 293 -10.94 -22.25 -4.66
CA ASN A 293 -11.40 -20.90 -4.95
C ASN A 293 -10.98 -19.93 -3.85
N LEU A 294 -10.36 -18.84 -4.28
CA LEU A 294 -9.97 -17.74 -3.41
C LEU A 294 -10.82 -16.52 -3.74
N TYR A 295 -11.18 -15.77 -2.71
CA TYR A 295 -12.03 -14.59 -2.85
C TYR A 295 -11.22 -13.36 -2.47
N MET A 296 -11.32 -12.31 -3.28
CA MET A 296 -10.54 -11.12 -3.04
C MET A 296 -11.03 -10.38 -1.79
N ARG A 297 -10.14 -9.55 -1.24
CA ARG A 297 -10.43 -8.84 -0.01
C ARG A 297 -11.53 -7.80 -0.21
N ILE A 298 -12.46 -7.75 0.74
CA ILE A 298 -13.46 -6.69 0.79
C ILE A 298 -13.14 -5.69 1.89
N ALA A 299 -12.70 -6.19 3.05
CA ALA A 299 -12.29 -5.35 4.16
C ALA A 299 -11.31 -6.15 5.02
N PRO A 300 -10.26 -5.50 5.52
CA PRO A 300 -9.29 -6.22 6.37
C PRO A 300 -9.74 -6.33 7.82
N GLU A 301 -11.04 -6.12 8.05
CA GLU A 301 -11.58 -6.04 9.40
C GLU A 301 -11.24 -7.25 10.24
N LEU A 302 -11.51 -8.45 9.72
CA LEU A 302 -11.32 -9.66 10.51
C LEU A 302 -9.87 -9.88 10.88
N TYR A 303 -8.95 -9.66 9.93
CA TYR A 303 -7.54 -9.85 10.22
C TYR A 303 -7.02 -8.79 11.20
N HIS A 304 -7.51 -7.56 11.09
CA HIS A 304 -7.12 -6.53 12.05
C HIS A 304 -7.59 -6.89 13.46
N LYS A 305 -8.82 -7.38 13.59
CA LYS A 305 -9.30 -7.80 14.90
C LYS A 305 -8.54 -9.01 15.42
N MET A 306 -8.16 -9.93 14.53
CA MET A 306 -7.31 -11.05 14.94
C MET A 306 -5.98 -10.57 15.47
N LEU A 307 -5.37 -9.58 14.81
CA LEU A 307 -4.11 -9.02 15.29
C LEU A 307 -4.29 -8.33 16.64
N VAL A 308 -5.40 -7.60 16.82
CA VAL A 308 -5.67 -6.97 18.10
C VAL A 308 -5.82 -8.02 19.19
N VAL A 309 -6.44 -9.15 18.87
CA VAL A 309 -6.49 -10.28 19.80
C VAL A 309 -5.07 -10.76 20.09
N GLY A 310 -4.20 -10.76 19.07
CA GLY A 310 -2.85 -11.25 19.25
C GLY A 310 -2.04 -10.46 20.26
N GLY A 311 -2.30 -9.15 20.36
CA GLY A 311 -1.59 -8.34 21.33
C GLY A 311 -1.25 -6.94 20.84
N ILE A 312 -1.16 -6.75 19.53
CA ILE A 312 -0.90 -5.42 18.98
C ILE A 312 -2.19 -4.62 19.09
N ASP A 313 -2.23 -3.71 20.07
CA ASP A 313 -3.48 -3.01 20.39
C ASP A 313 -3.85 -1.93 19.38
N ARG A 314 -2.89 -1.44 18.60
CA ARG A 314 -3.14 -0.37 17.63
C ARG A 314 -2.59 -0.81 16.29
N VAL A 315 -3.48 -0.98 15.31
CA VAL A 315 -3.09 -1.39 13.97
C VAL A 315 -3.77 -0.47 12.96
N TYR A 316 -3.13 -0.31 11.80
CA TYR A 316 -3.72 0.45 10.71
C TYR A 316 -3.19 -0.07 9.39
N GLU A 317 -3.95 0.19 8.32
CA GLU A 317 -3.55 -0.25 6.99
C GLU A 317 -4.30 0.59 5.97
N ILE A 318 -3.57 1.18 5.04
CA ILE A 318 -4.16 1.92 3.91
C ILE A 318 -3.99 1.01 2.70
N GLY A 319 -5.02 0.22 2.42
CA GLY A 319 -4.91 -0.80 1.39
C GLY A 319 -5.95 -0.71 0.29
N ARG A 320 -6.01 -1.75 -0.53
CA ARG A 320 -6.91 -1.80 -1.68
C ARG A 320 -7.99 -2.84 -1.44
N GLN A 321 -9.24 -2.45 -1.66
CA GLN A 321 -10.38 -3.35 -1.58
C GLN A 321 -11.02 -3.48 -2.95
N PHE A 322 -11.40 -4.70 -3.30
CA PHE A 322 -12.01 -5.01 -4.58
C PHE A 322 -13.48 -5.34 -4.39
N ARG A 323 -14.34 -4.70 -5.19
CA ARG A 323 -15.78 -4.94 -5.12
C ARG A 323 -16.28 -5.26 -6.52
N ASN A 324 -17.05 -6.34 -6.64
CA ASN A 324 -17.57 -6.78 -7.94
C ASN A 324 -18.94 -6.15 -8.22
N GLU A 325 -18.94 -4.82 -8.29
CA GLU A 325 -20.13 -4.05 -8.61
C GLU A 325 -19.91 -3.29 -9.92
N GLY A 326 -20.93 -2.54 -10.32
CA GLY A 326 -20.84 -1.79 -11.56
C GLY A 326 -19.95 -0.58 -11.44
N ILE A 327 -19.56 -0.06 -12.60
CA ILE A 327 -18.72 1.13 -12.70
C ILE A 327 -19.62 2.31 -13.05
N ASP A 328 -19.58 3.35 -12.23
CA ASP A 328 -20.41 4.53 -12.42
C ASP A 328 -19.56 5.76 -12.10
N LEU A 329 -20.23 6.90 -11.88
CA LEU A 329 -19.52 8.15 -11.69
C LEU A 329 -18.60 8.11 -10.46
N THR A 330 -19.08 7.53 -9.37
CA THR A 330 -18.33 7.53 -8.12
C THR A 330 -18.13 6.12 -7.58
N HIS A 331 -17.90 5.16 -8.48
CA HIS A 331 -17.66 3.79 -8.05
C HIS A 331 -16.62 3.15 -8.96
N ASN A 332 -15.72 2.35 -8.38
CA ASN A 332 -14.67 1.66 -9.10
C ASN A 332 -14.59 0.22 -8.61
N PRO A 333 -14.19 -0.71 -9.48
CA PRO A 333 -14.03 -2.10 -9.03
C PRO A 333 -13.02 -2.26 -7.90
N GLU A 334 -11.95 -1.46 -7.90
CA GLU A 334 -10.97 -1.47 -6.83
C GLU A 334 -10.79 -0.06 -6.31
N PHE A 335 -10.56 0.06 -5.00
CA PHE A 335 -10.42 1.38 -4.39
C PHE A 335 -9.50 1.28 -3.18
N THR A 336 -9.11 2.43 -2.66
CA THR A 336 -8.20 2.51 -1.53
C THR A 336 -8.96 2.95 -0.28
N THR A 337 -8.78 2.20 0.80
CA THR A 337 -9.39 2.53 2.08
C THR A 337 -8.35 2.47 3.19
N CYS A 338 -8.42 3.41 4.12
CA CYS A 338 -7.59 3.39 5.31
C CYS A 338 -8.40 2.91 6.50
N GLU A 339 -8.00 1.78 7.08
CA GLU A 339 -8.73 1.17 8.18
C GLU A 339 -7.79 1.00 9.36
N PHE A 340 -8.21 1.47 10.53
CA PHE A 340 -7.41 1.26 11.73
C PHE A 340 -8.29 0.77 12.86
N TYR A 341 -7.66 0.07 13.81
CA TYR A 341 -8.32 -0.45 15.00
C TYR A 341 -7.44 -0.16 16.20
N MET A 342 -8.02 0.42 17.25
CA MET A 342 -7.29 0.70 18.47
C MET A 342 -8.03 0.09 19.66
N ALA A 343 -7.27 -0.44 20.60
CA ALA A 343 -7.83 -1.12 21.76
C ALA A 343 -8.06 -0.14 22.90
N TYR A 344 -9.00 -0.49 23.77
CA TYR A 344 -9.35 0.30 24.95
C TYR A 344 -9.79 1.71 24.55
N ALA A 345 -10.80 1.75 23.69
CA ALA A 345 -11.39 3.00 23.22
C ALA A 345 -12.79 2.70 22.70
N ASP A 346 -13.46 3.75 22.22
CA ASP A 346 -14.80 3.62 21.66
C ASP A 346 -14.99 4.72 20.62
N TYR A 347 -16.23 4.81 20.12
CA TYR A 347 -16.52 5.80 19.08
C TYR A 347 -16.35 7.23 19.60
N HIS A 348 -16.75 7.48 20.85
CA HIS A 348 -16.55 8.80 21.44
C HIS A 348 -15.08 9.13 21.55
N ASP A 349 -14.23 8.13 21.75
CA ASP A 349 -12.78 8.39 21.78
C ASP A 349 -12.24 8.67 20.40
N LEU A 350 -12.78 8.02 19.36
CA LEU A 350 -12.32 8.26 18.01
C LEU A 350 -12.88 9.52 17.39
N MET A 351 -13.93 10.11 17.97
CA MET A 351 -14.49 11.34 17.41
C MET A 351 -13.47 12.46 17.41
N GLU A 352 -12.77 12.65 18.52
CA GLU A 352 -11.76 13.71 18.59
C GLU A 352 -10.59 13.42 17.66
N ILE A 353 -10.19 12.16 17.55
CA ILE A 353 -9.08 11.79 16.67
C ILE A 353 -9.45 12.09 15.21
N THR A 354 -10.67 11.72 14.81
CA THR A 354 -11.12 12.00 13.45
C THR A 354 -11.22 13.50 13.21
N GLU A 355 -11.74 14.25 14.19
CA GLU A 355 -11.80 15.70 14.07
C GLU A 355 -10.41 16.29 13.82
N LYS A 356 -9.45 15.92 14.66
CA LYS A 356 -8.10 16.44 14.53
C LYS A 356 -7.49 16.06 13.19
N MET A 357 -7.63 14.79 12.80
CA MET A 357 -7.02 14.34 11.56
C MET A 357 -7.60 15.06 10.35
N VAL A 358 -8.92 15.17 10.28
CA VAL A 358 -9.55 15.80 9.12
C VAL A 358 -9.22 17.28 9.07
N SER A 359 -9.33 17.97 10.21
CA SER A 359 -9.03 19.40 10.23
C SER A 359 -7.58 19.67 9.87
N GLY A 360 -6.66 18.88 10.41
CA GLY A 360 -5.25 19.06 10.09
C GLY A 360 -4.95 18.76 8.63
N MET A 361 -5.59 17.72 8.08
CA MET A 361 -5.38 17.41 6.66
C MET A 361 -5.88 18.54 5.78
N VAL A 362 -7.04 19.10 6.09
CA VAL A 362 -7.57 20.20 5.30
C VAL A 362 -6.67 21.43 5.42
N LYS A 363 -6.17 21.71 6.63
CA LYS A 363 -5.30 22.86 6.82
C LYS A 363 -3.95 22.67 6.13
N HIS A 364 -3.46 21.43 6.06
CA HIS A 364 -2.13 21.20 5.52
C HIS A 364 -2.13 21.09 4.00
N ILE A 365 -3.11 20.39 3.43
CA ILE A 365 -3.17 20.25 1.97
C ILE A 365 -3.47 21.60 1.33
N THR A 366 -4.48 22.29 1.83
CA THR A 366 -4.82 23.62 1.36
C THR A 366 -4.11 24.66 2.21
N GLY A 367 -4.49 25.93 2.07
CA GLY A 367 -3.87 26.99 2.84
C GLY A 367 -4.67 27.42 4.05
N SER A 368 -5.90 26.93 4.17
CA SER A 368 -6.77 27.34 5.27
C SER A 368 -7.83 26.27 5.47
N TYR A 369 -8.75 26.54 6.40
CA TYR A 369 -9.81 25.60 6.74
C TYR A 369 -11.00 25.68 5.79
N LYS A 370 -11.02 26.73 4.95
CA LYS A 370 -12.15 26.93 4.01
C LYS A 370 -11.89 26.16 2.72
N VAL A 371 -12.89 25.43 2.23
CA VAL A 371 -12.78 24.68 0.99
C VAL A 371 -14.01 24.97 0.13
N THR A 372 -13.77 25.30 -1.13
CA THR A 372 -14.84 25.54 -2.10
C THR A 372 -14.98 24.33 -2.99
N TYR A 373 -16.19 23.76 -3.06
CA TYR A 373 -16.46 22.56 -3.82
C TYR A 373 -17.58 22.80 -4.81
N HIS A 374 -17.48 22.16 -5.98
CA HIS A 374 -18.51 22.23 -7.00
C HIS A 374 -19.08 20.84 -7.25
N PRO A 375 -20.20 20.48 -6.63
CA PRO A 375 -20.74 19.12 -6.80
C PRO A 375 -21.22 18.81 -8.21
N ASP A 376 -21.47 19.82 -9.05
CA ASP A 376 -21.98 19.60 -10.39
C ASP A 376 -21.19 20.43 -11.40
N GLY A 377 -19.87 20.44 -11.27
CA GLY A 377 -19.02 21.12 -12.20
C GLY A 377 -18.86 22.60 -11.88
N PRO A 378 -17.91 23.25 -12.54
CA PRO A 378 -17.70 24.69 -12.29
C PRO A 378 -18.91 25.54 -12.61
N GLU A 379 -19.71 25.16 -13.61
CA GLU A 379 -20.89 25.94 -13.95
C GLU A 379 -22.02 25.78 -12.94
N GLY A 380 -21.91 24.84 -12.01
CA GLY A 380 -22.93 24.62 -11.01
C GLY A 380 -22.72 25.46 -9.76
N GLN A 381 -23.49 25.14 -8.74
CA GLN A 381 -23.42 25.87 -7.48
C GLN A 381 -22.12 25.57 -6.76
N ALA A 382 -21.51 26.60 -6.18
CA ALA A 382 -20.28 26.47 -5.42
C ALA A 382 -20.60 26.53 -3.93
N TYR A 383 -20.16 25.51 -3.20
CA TYR A 383 -20.41 25.40 -1.77
C TYR A 383 -19.13 25.67 -1.00
N ASP A 384 -19.20 26.55 -0.01
CA ASP A 384 -18.06 26.93 0.81
C ASP A 384 -18.20 26.25 2.17
N VAL A 385 -17.36 25.25 2.43
CA VAL A 385 -17.39 24.53 3.70
C VAL A 385 -16.21 25.00 4.55
N ASP A 386 -16.41 24.92 5.86
CA ASP A 386 -15.42 25.37 6.84
C ASP A 386 -15.06 24.17 7.69
N PHE A 387 -13.76 23.93 7.85
CA PHE A 387 -13.25 22.77 8.59
C PHE A 387 -12.70 23.16 9.96
N THR A 388 -13.37 24.07 10.65
CA THR A 388 -12.96 24.43 12.00
C THR A 388 -13.07 23.19 12.90
N PRO A 389 -12.09 22.94 13.76
CA PRO A 389 -12.03 21.66 14.50
C PRO A 389 -13.31 21.35 15.27
N PRO A 390 -13.99 22.35 15.89
CA PRO A 390 -15.26 22.00 16.55
C PRO A 390 -16.37 21.66 15.57
N PHE A 391 -16.36 20.42 15.08
CA PHE A 391 -17.42 19.95 14.19
C PHE A 391 -18.75 19.88 14.93
N ARG A 392 -19.83 20.13 14.19
CA ARG A 392 -21.16 20.02 14.76
C ARG A 392 -21.53 18.54 14.91
N ARG A 393 -21.99 18.22 16.16
CA ARG A 393 -22.38 16.82 16.48
C ARG A 393 -23.89 16.73 16.67
N ILE A 394 -24.56 15.82 15.89
CA ILE A 394 -25.99 15.64 16.02
C ILE A 394 -26.29 14.16 16.21
N ASN A 395 -27.11 13.85 17.22
CA ASN A 395 -27.54 12.48 17.45
C ASN A 395 -28.67 12.14 16.48
N MET A 396 -28.63 10.91 15.94
CA MET A 396 -29.48 10.58 14.80
C MET A 396 -30.97 10.63 15.15
N VAL A 397 -31.37 9.92 16.21
CA VAL A 397 -32.80 9.73 16.45
C VAL A 397 -33.45 11.04 16.91
N GLU A 398 -32.75 11.80 17.75
CA GLU A 398 -33.32 13.07 18.23
C GLU A 398 -33.42 14.10 17.11
N GLU A 399 -32.41 14.11 16.24
CA GLU A 399 -32.42 15.04 15.07
C GLU A 399 -33.40 14.53 14.01
N LEU A 400 -33.42 13.21 13.74
CA LEU A 400 -34.28 12.66 12.66
C LEU A 400 -35.76 12.94 12.99
N GLU A 401 -36.17 12.70 14.24
CA GLU A 401 -37.59 12.94 14.62
C GLU A 401 -37.94 14.40 14.37
N LYS A 402 -37.04 15.32 14.74
CA LYS A 402 -37.28 16.77 14.50
C LYS A 402 -37.37 17.03 12.99
N ALA A 403 -36.43 16.49 12.22
CA ALA A 403 -36.41 16.71 10.75
C ALA A 403 -37.69 16.13 10.14
N LEU A 404 -38.09 14.93 10.60
CA LEU A 404 -39.34 14.30 10.10
C LEU A 404 -40.54 15.17 10.51
N GLY A 405 -40.50 15.74 11.72
CA GLY A 405 -41.60 16.60 12.19
C GLY A 405 -42.46 15.89 13.23
N MET A 406 -42.21 14.59 13.44
CA MET A 406 -42.98 13.82 14.46
C MET A 406 -42.02 12.87 15.20
N LYS A 407 -42.38 12.50 16.44
CA LYS A 407 -41.54 11.58 17.24
C LYS A 407 -41.93 10.13 16.89
N LEU A 408 -41.04 9.39 16.25
CA LEU A 408 -41.31 7.98 15.87
C LEU A 408 -41.16 7.08 17.10
N PRO A 409 -41.70 5.83 17.11
CA PRO A 409 -41.62 4.95 18.28
C PRO A 409 -40.20 4.80 18.80
N GLU A 410 -40.09 4.34 20.04
CA GLU A 410 -38.80 4.26 20.71
C GLU A 410 -37.90 3.25 20.02
N THR A 411 -36.60 3.34 20.32
CA THR A 411 -35.61 2.50 19.64
C THR A 411 -35.83 1.02 19.95
N ASN A 412 -36.22 0.71 21.19
CA ASN A 412 -36.38 -0.70 21.59
C ASN A 412 -37.44 -1.41 20.76
N LEU A 413 -38.33 -0.65 20.11
CA LEU A 413 -39.34 -1.21 19.24
C LEU A 413 -38.84 -1.40 17.81
N PHE A 414 -37.52 -1.56 17.63
CA PHE A 414 -36.96 -1.68 16.29
C PHE A 414 -37.49 -2.92 15.57
N GLU A 415 -37.58 -4.04 16.28
CA GLU A 415 -37.97 -5.30 15.64
C GLU A 415 -39.47 -5.36 15.40
N THR A 416 -40.25 -4.56 16.12
CA THR A 416 -41.70 -4.59 16.03
C THR A 416 -42.17 -4.17 14.64
N GLU A 417 -43.14 -4.92 14.10
CA GLU A 417 -43.66 -4.63 12.77
C GLU A 417 -44.47 -3.34 12.76
N GLU A 418 -45.09 -2.99 13.90
CA GLU A 418 -45.87 -1.77 13.98
C GLU A 418 -45.00 -0.54 13.77
N THR A 419 -43.79 -0.54 14.33
CA THR A 419 -42.87 0.57 14.12
C THR A 419 -42.49 0.68 12.65
N ARG A 420 -42.22 -0.45 12.00
CA ARG A 420 -41.90 -0.44 10.58
C ARG A 420 -43.06 0.13 9.76
N LYS A 421 -44.29 -0.28 10.08
CA LYS A 421 -45.45 0.19 9.34
C LYS A 421 -45.66 1.69 9.53
N ILE A 422 -45.52 2.18 10.77
CA ILE A 422 -45.73 3.60 11.00
C ILE A 422 -44.63 4.42 10.35
N LEU A 423 -43.39 3.92 10.38
CA LEU A 423 -42.29 4.63 9.72
C LEU A 423 -42.52 4.70 8.22
N ASP A 424 -42.96 3.58 7.62
CA ASP A 424 -43.28 3.59 6.19
C ASP A 424 -44.43 4.54 5.89
N ASP A 425 -45.38 4.66 6.82
CA ASP A 425 -46.45 5.64 6.65
C ASP A 425 -45.86 7.05 6.62
N ILE A 426 -44.89 7.32 7.49
CA ILE A 426 -44.22 8.63 7.46
C ILE A 426 -43.53 8.85 6.12
N CYS A 427 -42.80 7.85 5.63
CA CYS A 427 -42.10 8.02 4.35
C CYS A 427 -43.07 8.27 3.21
N VAL A 428 -44.19 7.55 3.18
CA VAL A 428 -45.20 7.78 2.14
C VAL A 428 -45.80 9.17 2.28
N ALA A 429 -46.01 9.62 3.51
CA ALA A 429 -46.59 10.94 3.74
C ALA A 429 -45.68 12.06 3.23
N LYS A 430 -44.38 11.90 3.41
CA LYS A 430 -43.41 12.90 2.97
C LYS A 430 -42.97 12.71 1.53
N ALA A 431 -43.55 11.73 0.82
CA ALA A 431 -43.31 11.51 -0.60
C ALA A 431 -41.83 11.23 -0.88
N VAL A 432 -41.34 10.11 -0.33
CA VAL A 432 -39.99 9.66 -0.57
C VAL A 432 -40.05 8.29 -1.23
N GLU A 433 -38.94 7.91 -1.87
CA GLU A 433 -38.83 6.64 -2.59
C GLU A 433 -37.99 5.67 -1.78
N CYS A 434 -38.44 4.41 -1.74
CA CYS A 434 -37.73 3.36 -0.96
C CYS A 434 -37.60 2.11 -1.84
N PRO A 435 -36.49 1.35 -1.74
CA PRO A 435 -36.30 0.11 -2.52
C PRO A 435 -37.44 -0.86 -2.28
N PRO A 436 -37.64 -1.83 -3.17
CA PRO A 436 -38.74 -2.79 -3.02
C PRO A 436 -38.72 -3.49 -1.67
N PRO A 437 -37.53 -3.83 -1.11
CA PRO A 437 -37.53 -4.26 0.30
C PRO A 437 -37.96 -3.15 1.23
N ARG A 438 -39.10 -3.34 1.90
CA ARG A 438 -39.68 -2.33 2.77
C ARG A 438 -39.30 -2.52 4.23
N THR A 439 -38.11 -3.05 4.50
CA THR A 439 -37.67 -3.26 5.86
C THR A 439 -37.44 -1.93 6.56
N THR A 440 -37.37 -1.99 7.90
CA THR A 440 -37.16 -0.78 8.68
C THR A 440 -35.82 -0.13 8.36
N ALA A 441 -34.81 -0.94 8.06
CA ALA A 441 -33.49 -0.40 7.73
C ALA A 441 -33.54 0.49 6.50
N ARG A 442 -34.25 0.04 5.45
CA ARG A 442 -34.35 0.82 4.22
C ARG A 442 -35.04 2.15 4.48
N LEU A 443 -36.20 2.09 5.14
CA LEU A 443 -36.98 3.32 5.42
C LEU A 443 -36.08 4.34 6.15
N LEU A 444 -35.47 3.93 7.26
CA LEU A 444 -34.66 4.88 8.07
C LEU A 444 -33.47 5.38 7.23
N ASP A 445 -32.73 4.47 6.59
CA ASP A 445 -31.51 4.91 5.84
C ASP A 445 -31.95 5.96 4.81
N LYS A 446 -33.15 5.80 4.24
CA LYS A 446 -33.66 6.80 3.31
C LYS A 446 -34.03 8.08 4.04
N LEU A 447 -34.67 7.96 5.20
CA LEU A 447 -35.05 9.14 5.97
C LEU A 447 -33.83 9.94 6.41
N VAL A 448 -32.80 9.25 6.91
CA VAL A 448 -31.61 9.97 7.38
C VAL A 448 -30.83 10.52 6.19
N GLY A 449 -30.87 9.87 5.04
CA GLY A 449 -30.18 10.33 3.86
C GLY A 449 -30.89 11.40 3.07
N GLU A 450 -32.17 11.66 3.34
CA GLU A 450 -32.83 12.77 2.67
C GLU A 450 -33.47 13.78 3.61
N PHE A 451 -33.30 13.68 4.93
CA PHE A 451 -33.62 14.78 5.84
C PHE A 451 -32.47 15.22 6.72
N LEU A 452 -31.44 14.39 6.91
CA LEU A 452 -30.36 14.73 7.83
C LEU A 452 -29.06 15.06 7.10
N GLU A 453 -28.58 14.16 6.23
CA GLU A 453 -27.32 14.43 5.53
C GLU A 453 -27.45 15.57 4.54
N VAL A 454 -28.69 15.94 4.18
CA VAL A 454 -28.90 17.10 3.33
C VAL A 454 -28.44 18.38 4.01
N THR A 455 -28.62 18.48 5.33
CA THR A 455 -28.16 19.62 6.10
C THR A 455 -26.72 19.46 6.58
N CYS A 456 -25.97 18.52 5.99
CA CYS A 456 -24.59 18.25 6.36
C CYS A 456 -23.60 18.92 5.41
N ILE A 457 -23.92 20.13 4.94
CA ILE A 457 -23.02 20.83 4.02
C ILE A 457 -21.64 21.00 4.66
N ASN A 458 -21.62 21.50 5.89
CA ASN A 458 -20.39 21.52 6.67
C ASN A 458 -20.11 20.13 7.23
N PRO A 459 -18.87 19.84 7.62
CA PRO A 459 -18.60 18.56 8.28
C PRO A 459 -19.45 18.39 9.52
N THR A 460 -20.05 17.21 9.66
CA THR A 460 -21.00 16.96 10.73
C THR A 460 -20.87 15.51 11.19
N PHE A 461 -20.98 15.31 12.50
CA PHE A 461 -20.91 13.99 13.09
C PHE A 461 -22.32 13.46 13.33
N ILE A 462 -22.62 12.30 12.75
CA ILE A 462 -23.87 11.59 12.98
C ILE A 462 -23.59 10.52 14.02
N CYS A 463 -24.32 10.57 15.13
CA CYS A 463 -24.08 9.71 16.28
C CYS A 463 -24.70 8.33 16.11
N ASP A 464 -24.83 7.61 17.22
CA ASP A 464 -25.29 6.22 17.25
C ASP A 464 -26.45 5.96 16.30
N HIS A 465 -26.35 4.81 15.61
CA HIS A 465 -27.41 4.40 14.66
C HIS A 465 -28.10 3.16 15.24
N PRO A 466 -29.38 2.90 14.87
CA PRO A 466 -30.09 1.70 15.33
C PRO A 466 -29.35 0.43 14.95
N GLN A 467 -29.56 -0.62 15.75
CA GLN A 467 -28.83 -1.87 15.59
C GLN A 467 -29.16 -2.59 14.28
N ILE A 468 -30.23 -2.18 13.57
CA ILE A 468 -30.66 -2.90 12.38
C ILE A 468 -29.58 -2.85 11.29
N MET A 469 -29.03 -1.67 11.06
CA MET A 469 -28.07 -1.51 9.93
C MET A 469 -26.71 -2.16 10.23
N SER A 470 -26.04 -1.73 11.31
CA SER A 470 -24.70 -2.21 11.60
C SER A 470 -24.78 -3.48 12.43
N PRO A 471 -24.40 -4.63 11.89
CA PRO A 471 -24.42 -5.87 12.69
C PRO A 471 -23.25 -5.96 13.66
N LEU A 472 -22.06 -5.61 13.20
CA LEU A 472 -20.83 -5.81 13.97
C LEU A 472 -20.48 -4.56 14.78
N ALA A 473 -21.42 -4.11 15.61
CA ALA A 473 -21.20 -2.99 16.51
C ALA A 473 -21.87 -3.28 17.84
N LYS A 474 -21.21 -2.90 18.92
CA LYS A 474 -21.73 -3.20 20.25
C LYS A 474 -22.96 -2.34 20.56
N TRP A 475 -23.78 -2.84 21.47
CA TRP A 475 -24.97 -2.12 21.88
C TRP A 475 -24.60 -0.88 22.69
N HIS A 476 -25.56 0.03 22.82
CA HIS A 476 -25.30 1.30 23.49
C HIS A 476 -25.05 1.09 24.98
N ARG A 477 -24.26 1.99 25.55
CA ARG A 477 -23.94 1.92 26.97
C ARG A 477 -25.19 2.05 27.82
N SER A 478 -26.06 3.00 27.50
CA SER A 478 -27.29 3.26 28.24
C SER A 478 -28.54 3.07 27.41
N LYS A 479 -28.56 3.55 26.17
CA LYS A 479 -29.72 3.44 25.32
C LYS A 479 -29.91 1.98 24.87
N GLU A 480 -31.10 1.68 24.37
CA GLU A 480 -31.49 0.33 24.02
C GLU A 480 -31.53 0.18 22.50
N GLY A 481 -30.86 -0.84 21.99
CA GLY A 481 -30.89 -1.14 20.56
C GLY A 481 -30.27 -0.08 19.69
N LEU A 482 -29.21 0.59 20.17
CA LEU A 482 -28.50 1.59 19.40
C LEU A 482 -27.03 1.19 19.33
N THR A 483 -26.50 1.11 18.12
CA THR A 483 -25.10 0.74 17.94
C THR A 483 -24.19 1.91 18.28
N GLU A 484 -23.12 1.62 19.02
CA GLU A 484 -22.13 2.63 19.37
C GLU A 484 -21.27 2.90 18.15
N ARG A 485 -21.69 3.87 17.35
CA ARG A 485 -21.03 4.16 16.07
C ARG A 485 -21.22 5.62 15.73
N PHE A 486 -20.35 6.12 14.86
CA PHE A 486 -20.51 7.47 14.34
C PHE A 486 -20.04 7.54 12.90
N GLU A 487 -20.54 8.55 12.20
CA GLU A 487 -20.20 8.80 10.80
C GLU A 487 -19.88 10.28 10.64
N LEU A 488 -19.00 10.58 9.68
CA LEU A 488 -18.64 11.96 9.37
C LEU A 488 -19.16 12.29 7.98
N PHE A 489 -19.98 13.33 7.88
CA PHE A 489 -20.61 13.74 6.64
C PHE A 489 -20.07 15.11 6.23
N VAL A 490 -19.47 15.17 5.05
CA VAL A 490 -19.00 16.42 4.46
C VAL A 490 -19.39 16.41 2.99
N MET A 491 -19.86 17.56 2.49
CA MET A 491 -20.36 17.67 1.13
C MET A 491 -21.54 16.73 0.88
N LYS A 492 -22.34 16.50 1.92
CA LYS A 492 -23.48 15.58 1.86
C LYS A 492 -23.04 14.19 1.39
N LYS A 493 -21.92 13.73 1.92
CA LYS A 493 -21.38 12.41 1.57
C LYS A 493 -20.67 11.82 2.78
N GLU A 494 -20.51 10.51 2.76
CA GLU A 494 -19.94 9.76 3.87
C GLU A 494 -18.46 9.51 3.60
N ILE A 495 -17.60 9.91 4.54
CA ILE A 495 -16.17 9.73 4.42
C ILE A 495 -15.59 8.88 5.55
N CYS A 496 -16.05 9.09 6.78
CA CYS A 496 -15.51 8.40 7.94
C CYS A 496 -16.60 7.60 8.62
N ASN A 497 -16.34 6.31 8.84
CA ASN A 497 -17.23 5.43 9.58
C ASN A 497 -16.46 4.81 10.72
N ALA A 498 -17.03 4.82 11.91
CA ALA A 498 -16.34 4.22 13.05
C ALA A 498 -17.36 3.48 13.91
N TYR A 499 -17.11 2.20 14.15
CA TYR A 499 -17.96 1.38 14.99
C TYR A 499 -17.30 1.15 16.35
N THR A 500 -17.99 0.42 17.21
CA THR A 500 -17.41 -0.12 18.44
C THR A 500 -17.46 -1.64 18.33
N GLU A 501 -16.28 -2.26 18.36
CA GLU A 501 -16.19 -3.68 18.02
C GLU A 501 -16.93 -4.54 19.04
N LEU A 502 -17.57 -5.59 18.54
CA LEU A 502 -18.27 -6.56 19.37
C LEU A 502 -17.32 -7.68 19.73
N ASN A 503 -16.98 -7.79 21.02
CA ASN A 503 -16.02 -8.78 21.49
C ASN A 503 -16.70 -9.98 22.15
N ASP A 504 -18.02 -10.13 22.00
CA ASP A 504 -18.74 -11.24 22.59
C ASP A 504 -18.72 -12.42 21.62
N PRO A 505 -18.08 -13.53 21.94
CA PRO A 505 -18.04 -14.65 20.98
C PRO A 505 -19.40 -15.21 20.62
N MET A 506 -20.29 -15.39 21.60
CA MET A 506 -21.60 -15.97 21.32
C MET A 506 -22.44 -15.04 20.46
N ARG A 507 -22.47 -13.76 20.82
CA ARG A 507 -23.24 -12.79 20.04
C ARG A 507 -22.69 -12.67 18.63
N GLN A 508 -21.37 -12.63 18.48
CA GLN A 508 -20.77 -12.56 17.15
C GLN A 508 -21.08 -13.80 16.33
N ARG A 509 -21.03 -14.98 16.96
CA ARG A 509 -21.36 -16.22 16.27
C ARG A 509 -22.80 -16.21 15.78
N GLN A 510 -23.72 -15.80 16.65
CA GLN A 510 -25.13 -15.75 16.27
C GLN A 510 -25.36 -14.76 15.14
N LEU A 511 -24.72 -13.58 15.23
CA LEU A 511 -24.87 -12.57 14.19
C LEU A 511 -24.33 -13.06 12.86
N PHE A 512 -23.16 -13.71 12.89
CA PHE A 512 -22.59 -14.26 11.66
C PHE A 512 -23.49 -15.32 11.05
N GLU A 513 -24.02 -16.21 11.88
CA GLU A 513 -24.89 -17.28 11.38
C GLU A 513 -26.15 -16.70 10.76
N GLU A 514 -26.77 -15.73 11.43
CA GLU A 514 -28.01 -15.16 10.90
C GLU A 514 -27.74 -14.35 9.63
N GLN A 515 -26.61 -13.64 9.59
CA GLN A 515 -26.26 -12.87 8.39
C GLN A 515 -26.01 -13.80 7.20
N ALA A 516 -25.31 -14.91 7.44
CA ALA A 516 -25.06 -15.87 6.39
C ALA A 516 -26.36 -16.49 5.90
N LYS A 517 -27.23 -16.90 6.83
CA LYS A 517 -28.48 -17.55 6.45
C LYS A 517 -29.42 -16.60 5.73
N ALA A 518 -29.35 -15.30 6.06
CA ALA A 518 -30.30 -14.34 5.50
C ALA A 518 -30.13 -14.22 3.99
N LYS A 519 -29.00 -13.70 3.53
CA LYS A 519 -28.83 -13.42 2.10
C LYS A 519 -27.63 -14.14 1.52
N ALA A 520 -26.52 -14.20 2.28
CA ALA A 520 -25.30 -14.80 1.76
C ALA A 520 -25.50 -16.29 1.44
N ALA A 521 -26.17 -17.02 2.34
CA ALA A 521 -26.45 -18.44 2.16
C ALA A 521 -27.94 -18.75 2.30
N GLY A 522 -28.79 -17.93 1.67
CA GLY A 522 -30.22 -18.12 1.77
C GLY A 522 -30.70 -19.46 1.26
N ASP A 523 -30.13 -19.92 0.15
CA ASP A 523 -30.53 -21.20 -0.44
C ASP A 523 -29.31 -22.00 -0.86
N ASP A 524 -28.24 -21.91 -0.08
CA ASP A 524 -27.01 -22.64 -0.39
C ASP A 524 -26.34 -23.04 0.93
N GLU A 525 -25.11 -23.54 0.81
CA GLU A 525 -24.39 -24.04 1.97
C GLU A 525 -24.04 -22.92 2.93
N ALA A 526 -24.16 -23.20 4.23
CA ALA A 526 -23.85 -22.24 5.28
C ALA A 526 -22.37 -22.35 5.65
N MET A 527 -21.51 -21.85 4.76
CA MET A 527 -20.04 -21.89 5.02
C MET A 527 -19.49 -20.46 5.07
N PHE A 528 -20.34 -19.46 4.87
CA PHE A 528 -19.91 -18.06 4.85
C PHE A 528 -19.43 -17.57 6.22
N ILE A 529 -19.65 -18.34 7.27
CA ILE A 529 -19.19 -18.00 8.60
C ILE A 529 -17.69 -18.25 8.69
N ASP A 530 -17.00 -17.44 9.49
CA ASP A 530 -15.56 -17.58 9.67
C ASP A 530 -15.31 -18.25 11.02
N GLU A 531 -15.11 -19.56 10.98
CA GLU A 531 -14.85 -20.31 12.22
C GLU A 531 -13.52 -19.90 12.85
N ASN A 532 -12.52 -19.59 12.02
CA ASN A 532 -11.23 -19.15 12.56
C ASN A 532 -11.37 -17.85 13.32
N PHE A 533 -12.14 -16.89 12.78
CA PHE A 533 -12.32 -15.62 13.47
C PHE A 533 -13.10 -15.80 14.77
N CYS A 534 -14.11 -16.67 14.76
CA CYS A 534 -14.86 -16.93 15.99
C CYS A 534 -13.97 -17.59 17.03
N THR A 535 -13.10 -18.52 16.61
CA THR A 535 -12.15 -19.11 17.54
C THR A 535 -11.20 -18.07 18.11
N ALA A 536 -10.74 -17.15 17.27
CA ALA A 536 -9.87 -16.08 17.74
C ALA A 536 -10.59 -15.20 18.76
N LEU A 537 -11.85 -14.86 18.49
CA LEU A 537 -12.63 -14.07 19.44
C LEU A 537 -12.86 -14.82 20.75
N GLU A 538 -12.95 -16.15 20.67
CA GLU A 538 -13.10 -16.95 21.88
C GLU A 538 -11.90 -16.82 22.82
N TYR A 539 -10.74 -16.44 22.29
CA TYR A 539 -9.55 -16.27 23.11
C TYR A 539 -9.54 -14.94 23.87
N GLY A 540 -10.44 -14.01 23.54
CA GLY A 540 -10.53 -12.77 24.27
C GLY A 540 -10.06 -11.55 23.49
N LEU A 541 -11.00 -10.78 22.96
CA LEU A 541 -10.69 -9.54 22.27
C LEU A 541 -10.88 -8.38 23.25
N PRO A 542 -9.87 -7.52 23.44
CA PRO A 542 -10.06 -6.39 24.34
C PRO A 542 -11.10 -5.44 23.80
N PRO A 543 -11.79 -4.68 24.66
CA PRO A 543 -12.74 -3.67 24.16
C PRO A 543 -12.03 -2.70 23.23
N THR A 544 -12.37 -2.75 21.95
CA THR A 544 -11.61 -2.04 20.93
C THR A 544 -12.58 -1.38 19.96
N ALA A 545 -12.06 -0.45 19.17
CA ALA A 545 -12.86 0.34 18.25
C ALA A 545 -12.14 0.50 16.93
N GLY A 546 -12.90 0.43 15.84
CA GLY A 546 -12.36 0.56 14.51
C GLY A 546 -12.78 1.86 13.83
N TRP A 547 -12.15 2.10 12.68
CA TRP A 547 -12.36 3.34 11.94
C TRP A 547 -11.96 3.12 10.49
N GLY A 548 -12.76 3.67 9.58
CA GLY A 548 -12.52 3.49 8.16
C GLY A 548 -12.64 4.80 7.42
N MET A 549 -11.85 4.94 6.37
CA MET A 549 -11.79 6.15 5.57
C MET A 549 -11.72 5.77 4.10
N GLY A 550 -12.58 6.36 3.28
CA GLY A 550 -12.48 6.23 1.85
C GLY A 550 -11.58 7.31 1.27
N ILE A 551 -10.37 6.92 0.85
CA ILE A 551 -9.39 7.91 0.41
C ILE A 551 -9.87 8.61 -0.87
N ASP A 552 -10.56 7.88 -1.74
CA ASP A 552 -11.00 8.45 -3.00
C ASP A 552 -11.97 9.60 -2.79
N ARG A 553 -12.92 9.43 -1.87
CA ARG A 553 -13.90 10.49 -1.61
C ARG A 553 -13.23 11.75 -1.08
N VAL A 554 -12.28 11.58 -0.16
CA VAL A 554 -11.57 12.74 0.38
C VAL A 554 -10.74 13.39 -0.71
N ALA A 555 -10.13 12.60 -1.60
CA ALA A 555 -9.36 13.16 -2.70
C ALA A 555 -10.25 13.99 -3.63
N MET A 556 -11.45 13.47 -3.94
CA MET A 556 -12.37 14.26 -4.76
C MET A 556 -12.80 15.53 -4.06
N PHE A 557 -13.02 15.46 -2.74
CA PHE A 557 -13.45 16.65 -2.01
C PHE A 557 -12.34 17.70 -1.94
N LEU A 558 -11.08 17.26 -1.88
CA LEU A 558 -9.98 18.19 -1.75
C LEU A 558 -9.44 18.68 -3.09
N THR A 559 -9.72 17.98 -4.19
CA THR A 559 -9.29 18.39 -5.51
C THR A 559 -10.41 18.97 -6.35
N ASP A 560 -11.58 19.24 -5.74
CA ASP A 560 -12.74 19.78 -6.45
C ASP A 560 -13.13 18.89 -7.63
N SER A 561 -13.11 17.58 -7.42
CA SER A 561 -13.45 16.60 -8.43
C SER A 561 -14.80 15.98 -8.11
N ASN A 562 -15.68 15.94 -9.10
CA ASN A 562 -16.98 15.30 -8.96
C ASN A 562 -17.03 13.91 -9.56
N ASN A 563 -15.88 13.40 -10.00
CA ASN A 563 -15.79 12.07 -10.62
C ASN A 563 -14.65 11.31 -9.97
N ILE A 564 -14.91 10.04 -9.65
CA ILE A 564 -13.85 9.21 -9.07
C ILE A 564 -12.72 8.97 -10.05
N LYS A 565 -12.99 9.07 -11.35
CA LYS A 565 -11.96 8.85 -12.36
C LYS A 565 -10.98 10.02 -12.43
N GLU A 566 -11.32 11.17 -11.85
CA GLU A 566 -10.40 12.31 -11.87
C GLU A 566 -9.25 12.10 -10.89
N VAL A 567 -9.46 11.34 -9.82
CA VAL A 567 -8.43 11.11 -8.82
C VAL A 567 -7.73 9.78 -8.99
N LEU A 568 -8.23 8.89 -9.85
CA LEU A 568 -7.58 7.62 -10.11
C LEU A 568 -6.61 7.75 -11.26
N LEU A 569 -5.44 7.13 -11.12
CA LEU A 569 -4.40 7.24 -12.14
C LEU A 569 -4.86 6.59 -13.44
N PHE A 570 -5.31 5.34 -13.38
CA PHE A 570 -5.80 4.60 -14.54
C PHE A 570 -7.13 3.98 -14.19
N PRO A 571 -8.21 4.75 -14.24
CA PRO A 571 -9.53 4.20 -13.87
C PRO A 571 -9.98 3.12 -14.83
N ALA A 572 -10.74 2.17 -14.30
CA ALA A 572 -11.31 1.12 -15.12
C ALA A 572 -12.36 1.70 -16.06
N MET A 573 -12.33 1.27 -17.32
CA MET A 573 -13.23 1.80 -18.33
C MET A 573 -13.80 0.66 -19.15
N LYS A 574 -14.96 0.90 -19.73
CA LYS A 574 -15.60 -0.07 -20.62
C LYS A 574 -14.76 -0.22 -21.88
N PRO A 575 -14.37 -1.44 -22.25
CA PRO A 575 -13.58 -1.61 -23.48
C PRO A 575 -14.37 -1.22 -24.71
N GLU A 576 -13.66 -0.72 -25.72
CA GLU A 576 -14.27 -0.28 -26.96
C GLU A 576 -14.58 -1.50 -27.84
N ASP A 577 -15.02 -1.24 -29.07
CA ASP A 577 -15.36 -2.29 -30.02
C ASP A 577 -16.39 -3.27 -29.46
N ASP B 72 -9.37 -32.77 27.67
CA ASP B 72 -9.28 -31.72 28.69
C ASP B 72 -9.59 -30.31 28.15
N PRO B 73 -9.00 -29.90 27.02
CA PRO B 73 -9.34 -28.56 26.49
C PRO B 73 -10.81 -28.40 26.18
N ASN B 74 -11.47 -29.45 25.67
CA ASN B 74 -12.90 -29.37 25.44
C ASN B 74 -13.68 -29.21 26.75
N GLN B 75 -13.27 -29.95 27.78
CA GLN B 75 -13.92 -29.82 29.09
C GLN B 75 -13.71 -28.43 29.65
N TYR B 76 -12.49 -27.88 29.51
CA TYR B 76 -12.22 -26.53 29.98
C TYR B 76 -13.08 -25.51 29.25
N TYR B 77 -13.20 -25.66 27.92
CA TYR B 77 -14.03 -24.75 27.15
C TYR B 77 -15.49 -24.83 27.58
N LYS B 78 -15.99 -26.04 27.79
CA LYS B 78 -17.38 -26.22 28.22
C LYS B 78 -17.60 -25.56 29.57
N ILE B 79 -16.70 -25.80 30.52
CA ILE B 79 -16.83 -25.24 31.86
C ILE B 79 -16.78 -23.72 31.82
N ARG B 80 -15.83 -23.17 31.05
CA ARG B 80 -15.69 -21.72 30.99
C ARG B 80 -16.88 -21.07 30.29
N SER B 81 -17.41 -21.72 29.26
CA SER B 81 -18.60 -21.20 28.59
C SER B 81 -19.80 -21.18 29.54
N GLN B 82 -19.96 -22.26 30.31
CA GLN B 82 -21.05 -22.29 31.30
C GLN B 82 -20.85 -21.21 32.35
N ALA B 83 -19.61 -21.02 32.80
CA ALA B 83 -19.34 -19.99 33.79
C ALA B 83 -19.62 -18.59 33.25
N ILE B 84 -19.29 -18.34 31.99
CA ILE B 84 -19.54 -17.05 31.39
C ILE B 84 -21.04 -16.82 31.19
N HIS B 85 -21.78 -17.88 30.83
CA HIS B 85 -23.23 -17.76 30.74
C HIS B 85 -23.84 -17.43 32.11
N GLN B 86 -23.36 -18.10 33.17
CA GLN B 86 -23.83 -17.79 34.51
C GLN B 86 -23.47 -16.37 34.91
N LEU B 87 -22.28 -15.92 34.50
CA LEU B 87 -21.87 -14.54 34.77
C LEU B 87 -22.80 -13.56 34.08
N LYS B 88 -23.19 -13.84 32.84
CA LYS B 88 -24.02 -12.92 32.08
C LYS B 88 -25.46 -12.90 32.59
N VAL B 89 -25.99 -14.05 33.00
CA VAL B 89 -27.42 -14.11 33.32
C VAL B 89 -27.73 -13.32 34.58
N ASN B 90 -26.84 -13.34 35.56
CA ASN B 90 -27.10 -12.70 36.85
C ASN B 90 -26.55 -11.27 36.86
N GLY B 91 -26.96 -10.50 35.86
CA GLY B 91 -26.67 -9.06 35.84
C GLY B 91 -25.28 -8.59 35.48
N GLU B 92 -24.25 -9.15 36.12
CA GLU B 92 -22.89 -8.70 35.88
C GLU B 92 -22.47 -8.93 34.44
N ASP B 93 -21.82 -7.92 33.85
CA ASP B 93 -21.47 -7.95 32.43
C ASP B 93 -20.01 -8.31 32.27
N PRO B 94 -19.68 -9.45 31.66
CA PRO B 94 -18.29 -9.82 31.45
C PRO B 94 -17.62 -9.11 30.29
N TYR B 95 -18.35 -8.29 29.53
CA TYR B 95 -17.81 -7.55 28.39
C TYR B 95 -18.17 -6.08 28.54
N PRO B 96 -17.44 -5.35 29.38
CA PRO B 96 -17.73 -3.91 29.54
C PRO B 96 -17.46 -3.15 28.25
N HIS B 97 -18.21 -2.06 28.06
CA HIS B 97 -18.14 -1.31 26.81
C HIS B 97 -16.84 -0.53 26.72
N LYS B 98 -16.50 0.19 27.79
CA LYS B 98 -15.31 1.08 27.72
C LYS B 98 -14.53 1.15 29.04
N PHE B 99 -13.22 0.94 28.99
CA PHE B 99 -12.33 1.06 30.14
C PHE B 99 -11.44 2.28 29.93
N HIS B 100 -11.42 3.17 30.91
CA HIS B 100 -10.66 4.43 30.81
C HIS B 100 -9.20 4.15 31.15
N VAL B 101 -8.47 3.63 30.16
CA VAL B 101 -7.05 3.37 30.33
C VAL B 101 -6.31 4.69 30.43
N ASP B 102 -5.61 4.90 31.54
CA ASP B 102 -4.96 6.18 31.78
C ASP B 102 -3.54 6.19 31.22
N ILE B 103 -2.75 5.16 31.53
CA ILE B 103 -1.33 5.15 31.21
C ILE B 103 -0.96 3.82 30.57
N SER B 104 -0.12 3.88 29.56
CA SER B 104 0.34 2.67 28.88
C SER B 104 1.30 1.88 29.79
N LEU B 105 1.39 0.58 29.53
CA LEU B 105 2.22 -0.28 30.37
C LEU B 105 3.70 0.06 30.23
N THR B 106 4.17 0.25 28.99
CA THR B 106 5.58 0.60 28.79
C THR B 106 5.91 1.95 29.42
N ASP B 107 5.02 2.93 29.24
CA ASP B 107 5.22 4.25 29.88
C ASP B 107 5.25 4.04 31.39
N PHE B 108 4.30 3.25 31.91
CA PHE B 108 4.26 2.97 33.34
C PHE B 108 5.60 2.46 33.86
N ILE B 109 6.16 1.46 33.16
CA ILE B 109 7.44 0.90 33.58
C ILE B 109 8.53 1.94 33.51
N GLN B 110 8.60 2.68 32.40
CA GLN B 110 9.67 3.65 32.22
C GLN B 110 9.60 4.75 33.26
N LYS B 111 8.39 5.16 33.65
CA LYS B 111 8.23 6.22 34.64
C LYS B 111 8.53 5.72 36.05
N TYR B 112 8.06 4.52 36.41
CA TYR B 112 8.13 4.08 37.79
C TYR B 112 9.27 3.08 38.05
N SER B 113 10.18 2.90 37.10
CA SER B 113 11.35 2.08 37.36
C SER B 113 12.29 2.69 38.40
N HIS B 114 12.11 3.96 38.74
CA HIS B 114 12.97 4.62 39.71
C HIS B 114 12.55 4.34 41.15
N LEU B 115 11.48 3.57 41.35
CA LEU B 115 10.98 3.31 42.72
C LEU B 115 12.00 2.47 43.50
N GLN B 116 12.17 2.72 44.80
CA GLN B 116 13.07 1.90 45.66
C GLN B 116 12.28 0.66 46.09
N PRO B 117 12.85 -0.56 46.09
CA PRO B 117 12.04 -1.76 46.39
C PRO B 117 11.44 -1.76 47.79
N GLY B 118 10.13 -1.63 47.87
CA GLY B 118 9.41 -1.56 49.14
C GLY B 118 8.52 -0.35 49.31
N ASP B 119 8.55 0.56 48.35
CA ASP B 119 7.73 1.80 48.43
C ASP B 119 6.28 1.52 48.03
N HIS B 120 5.35 2.39 48.44
CA HIS B 120 3.93 2.23 48.11
C HIS B 120 3.34 3.65 48.00
N LEU B 121 3.14 4.11 46.77
CA LEU B 121 2.62 5.46 46.53
C LEU B 121 1.09 5.42 46.65
N THR B 122 0.63 5.57 47.89
CA THR B 122 -0.81 5.53 48.17
C THR B 122 -1.44 6.92 48.10
N ASP B 123 -1.22 7.62 47.00
CA ASP B 123 -1.82 8.94 46.83
C ASP B 123 -2.46 9.20 45.48
N ILE B 124 -2.21 8.37 44.45
CA ILE B 124 -2.87 8.49 43.16
C ILE B 124 -3.30 7.10 42.69
N THR B 125 -4.23 7.09 41.74
CA THR B 125 -4.74 5.85 41.17
C THR B 125 -4.59 5.90 39.65
N LEU B 126 -3.89 4.91 39.10
CA LEU B 126 -3.70 4.77 37.67
C LEU B 126 -4.43 3.52 37.19
N LYS B 127 -4.99 3.59 35.99
CA LYS B 127 -5.72 2.48 35.40
C LYS B 127 -4.95 1.96 34.19
N VAL B 128 -4.47 0.73 34.29
CA VAL B 128 -3.78 0.06 33.19
C VAL B 128 -4.63 -1.14 32.78
N ALA B 129 -4.24 -1.77 31.68
CA ALA B 129 -4.97 -2.92 31.16
C ALA B 129 -4.00 -3.87 30.49
N GLY B 130 -4.41 -5.13 30.37
CA GLY B 130 -3.58 -6.13 29.74
C GLY B 130 -4.22 -7.49 29.78
N ARG B 131 -3.39 -8.51 29.58
CA ARG B 131 -3.84 -9.90 29.54
C ARG B 131 -3.09 -10.70 30.59
N ILE B 132 -3.84 -11.40 31.45
CA ILE B 132 -3.23 -12.27 32.45
C ILE B 132 -2.59 -13.46 31.76
N HIS B 133 -1.38 -13.82 32.20
CA HIS B 133 -0.69 -14.98 31.67
C HIS B 133 -0.20 -15.96 32.74
N ALA B 134 -0.39 -15.65 34.02
CA ALA B 134 -0.05 -16.56 35.10
C ALA B 134 -0.66 -16.06 36.39
N LYS B 135 -1.19 -16.98 37.19
CA LYS B 135 -1.73 -16.66 38.49
C LYS B 135 -1.13 -17.60 39.53
N ARG B 136 -0.83 -17.06 40.71
CA ARG B 136 -0.29 -17.87 41.79
C ARG B 136 -0.77 -17.32 43.12
N ALA B 137 -1.39 -18.18 43.93
CA ALA B 137 -1.96 -17.79 45.22
C ALA B 137 -0.96 -18.10 46.32
N SER B 138 -0.40 -17.06 46.94
CA SER B 138 0.51 -17.23 48.06
C SER B 138 -0.32 -17.27 49.34
N GLY B 139 -1.08 -18.36 49.48
CA GLY B 139 -2.01 -18.49 50.58
C GLY B 139 -3.44 -18.27 50.16
N GLY B 140 -4.18 -17.44 50.89
CA GLY B 140 -5.56 -17.17 50.56
C GLY B 140 -5.87 -15.69 50.46
N LYS B 141 -4.89 -14.85 50.77
CA LYS B 141 -5.04 -13.40 50.74
C LYS B 141 -4.25 -12.72 49.65
N LEU B 142 -3.07 -13.24 49.32
CA LEU B 142 -2.21 -12.64 48.30
C LEU B 142 -2.26 -13.48 47.04
N ILE B 143 -2.51 -12.83 45.90
CA ILE B 143 -2.57 -13.49 44.60
C ILE B 143 -1.74 -12.68 43.61
N PHE B 144 -0.82 -13.34 42.93
CA PHE B 144 0.08 -12.68 41.97
C PHE B 144 -0.41 -13.00 40.56
N TYR B 145 -0.67 -11.96 39.79
CA TYR B 145 -0.88 -12.03 38.35
C TYR B 145 0.28 -11.35 37.65
N ASP B 146 0.39 -11.57 36.35
CA ASP B 146 1.40 -10.89 35.54
C ASP B 146 0.78 -10.54 34.19
N LEU B 147 0.64 -9.25 33.92
CA LEU B 147 0.08 -8.80 32.66
C LEU B 147 1.19 -8.53 31.64
N ARG B 148 0.91 -8.95 30.40
CA ARG B 148 1.73 -8.61 29.25
C ARG B 148 0.91 -7.70 28.34
N GLY B 149 1.46 -6.53 28.03
CA GLY B 149 0.79 -5.60 27.14
C GLY B 149 1.52 -5.43 25.82
N GLU B 150 2.27 -4.35 25.69
CA GLU B 150 3.07 -4.10 24.49
C GLU B 150 4.43 -4.78 24.62
N GLY B 151 4.39 -6.09 24.84
CA GLY B 151 5.61 -6.86 25.05
C GLY B 151 6.35 -6.48 26.33
N VAL B 152 5.63 -6.26 27.42
CA VAL B 152 6.23 -5.83 28.68
C VAL B 152 5.61 -6.63 29.82
N LYS B 153 6.27 -6.58 30.98
CA LYS B 153 5.81 -7.43 32.12
C LYS B 153 5.43 -6.57 33.33
N LEU B 154 4.20 -6.70 33.83
CA LEU B 154 3.75 -6.02 35.03
C LEU B 154 3.12 -7.01 35.99
N GLN B 155 3.79 -7.28 37.10
CA GLN B 155 3.31 -8.21 38.12
C GLN B 155 2.42 -7.44 39.09
N VAL B 156 1.20 -7.94 39.28
CA VAL B 156 0.23 -7.34 40.19
C VAL B 156 0.03 -8.27 41.37
N MET B 157 0.15 -7.74 42.59
CA MET B 157 -0.03 -8.54 43.80
C MET B 157 -1.30 -8.05 44.49
N ALA B 158 -2.42 -8.70 44.16
CA ALA B 158 -3.69 -8.35 44.76
C ALA B 158 -3.77 -8.91 46.17
N ASN B 159 -4.13 -8.04 47.11
CA ASN B 159 -4.25 -8.42 48.52
C ASN B 159 -5.57 -7.88 49.06
N SER B 160 -6.09 -8.52 50.10
CA SER B 160 -7.36 -8.13 50.67
C SER B 160 -7.32 -6.75 51.34
N ARG B 161 -6.18 -6.42 51.95
CA ARG B 161 -6.11 -5.23 52.80
C ARG B 161 -6.32 -3.93 52.01
N ASN B 162 -5.68 -3.84 50.84
CA ASN B 162 -5.75 -2.60 50.03
C ASN B 162 -6.87 -2.67 48.98
N TYR B 163 -7.52 -3.84 48.84
CA TYR B 163 -8.62 -3.92 47.90
C TYR B 163 -9.80 -3.09 48.41
N LYS B 164 -10.85 -3.01 47.58
CA LYS B 164 -12.04 -2.27 47.97
C LYS B 164 -12.67 -2.88 49.22
N SER B 165 -12.85 -4.20 49.23
CA SER B 165 -13.28 -4.94 50.40
C SER B 165 -13.05 -6.42 50.16
N GLU B 166 -13.29 -7.22 51.19
CA GLU B 166 -12.99 -8.65 51.11
C GLU B 166 -13.91 -9.37 50.14
N GLU B 167 -15.21 -9.03 50.14
CA GLU B 167 -16.19 -9.82 49.40
C GLU B 167 -15.94 -9.74 47.89
N GLU B 168 -15.86 -8.53 47.34
CA GLU B 168 -15.57 -8.40 45.92
C GLU B 168 -14.17 -8.90 45.60
N PHE B 169 -13.25 -8.82 46.57
CA PHE B 169 -11.91 -9.38 46.36
C PHE B 169 -11.98 -10.88 46.07
N ILE B 170 -12.65 -11.63 46.95
CA ILE B 170 -12.71 -13.07 46.75
C ILE B 170 -13.55 -13.40 45.53
N HIS B 171 -14.59 -12.59 45.26
CA HIS B 171 -15.42 -12.83 44.08
C HIS B 171 -14.62 -12.66 42.80
N ILE B 172 -13.84 -11.58 42.70
CA ILE B 172 -13.06 -11.34 41.48
C ILE B 172 -11.90 -12.33 41.37
N ASN B 173 -11.36 -12.80 42.50
CA ASN B 173 -10.33 -13.82 42.43
C ASN B 173 -10.91 -15.15 41.95
N ASN B 174 -12.15 -15.46 42.35
CA ASN B 174 -12.79 -16.67 41.87
C ASN B 174 -13.16 -16.55 40.39
N LYS B 175 -13.53 -15.34 39.95
CA LYS B 175 -13.95 -15.13 38.57
C LYS B 175 -12.78 -15.15 37.58
N LEU B 176 -11.61 -14.67 37.96
CA LEU B 176 -10.49 -14.54 37.04
C LEU B 176 -9.72 -15.84 36.93
N ARG B 177 -9.21 -16.11 35.73
CA ARG B 177 -8.36 -17.27 35.47
C ARG B 177 -7.19 -16.81 34.59
N ARG B 178 -6.43 -17.77 34.08
CA ARG B 178 -5.29 -17.43 33.23
C ARG B 178 -5.73 -17.25 31.79
N GLY B 179 -5.23 -16.19 31.16
CA GLY B 179 -5.56 -15.86 29.79
C GLY B 179 -6.59 -14.76 29.65
N ASP B 180 -7.30 -14.40 30.71
CA ASP B 180 -8.30 -13.36 30.65
C ASP B 180 -7.66 -11.99 30.44
N ILE B 181 -8.41 -11.12 29.79
CA ILE B 181 -7.99 -9.74 29.54
C ILE B 181 -8.68 -8.86 30.56
N ILE B 182 -7.89 -8.17 31.39
CA ILE B 182 -8.42 -7.42 32.51
C ILE B 182 -7.87 -6.00 32.50
N GLY B 183 -8.46 -5.17 33.36
CA GLY B 183 -8.03 -3.81 33.59
C GLY B 183 -7.95 -3.51 35.07
N VAL B 184 -6.78 -3.05 35.53
CA VAL B 184 -6.51 -2.86 36.94
C VAL B 184 -6.34 -1.37 37.23
N GLN B 185 -7.07 -0.90 38.23
CA GLN B 185 -6.92 0.46 38.76
C GLN B 185 -6.28 0.34 40.14
N GLY B 186 -5.15 1.00 40.31
CA GLY B 186 -4.43 0.85 41.57
C GLY B 186 -3.34 1.87 41.75
N ASN B 187 -2.46 1.59 42.71
CA ASN B 187 -1.39 2.48 43.10
C ASN B 187 -0.03 1.85 42.79
N PRO B 188 0.87 2.55 42.11
CA PRO B 188 2.17 1.96 41.79
C PRO B 188 3.00 1.71 43.04
N GLY B 189 3.90 0.73 42.95
CA GLY B 189 4.78 0.39 44.05
C GLY B 189 5.73 -0.70 43.63
N LYS B 190 6.43 -1.26 44.61
CA LYS B 190 7.36 -2.34 44.33
C LYS B 190 7.53 -3.18 45.59
N THR B 191 7.56 -4.50 45.44
CA THR B 191 7.79 -5.38 46.58
C THR B 191 9.24 -5.27 47.04
N LYS B 192 9.49 -5.76 48.26
CA LYS B 192 10.84 -5.72 48.81
C LYS B 192 11.79 -6.62 48.01
N LYS B 193 11.24 -7.59 47.29
CA LYS B 193 12.06 -8.44 46.43
C LYS B 193 12.69 -7.64 45.30
N GLY B 194 11.93 -6.69 44.75
CA GLY B 194 12.45 -5.84 43.68
C GLY B 194 11.71 -5.97 42.37
N GLU B 195 10.44 -6.25 42.42
CA GLU B 195 9.61 -6.40 41.19
C GLU B 195 8.53 -5.30 41.18
N LEU B 196 8.52 -4.46 40.19
CA LEU B 196 7.57 -3.36 40.06
C LEU B 196 6.15 -3.90 39.98
N SER B 197 5.22 -3.23 40.67
CA SER B 197 3.87 -3.74 40.80
C SER B 197 2.89 -2.58 40.90
N ILE B 198 1.62 -2.89 40.71
CA ILE B 198 0.54 -1.93 40.94
C ILE B 198 -0.45 -2.59 41.88
N ILE B 199 -0.60 -2.03 43.07
CA ILE B 199 -1.53 -2.55 44.07
C ILE B 199 -2.94 -2.27 43.56
N PRO B 200 -3.77 -3.30 43.35
CA PRO B 200 -5.09 -3.07 42.76
C PRO B 200 -6.12 -2.66 43.80
N TYR B 201 -6.91 -1.66 43.42
CA TYR B 201 -8.07 -1.25 44.21
C TYR B 201 -9.37 -1.88 43.73
N GLU B 202 -9.49 -2.13 42.43
CA GLU B 202 -10.66 -2.79 41.88
C GLU B 202 -10.28 -3.36 40.51
N ILE B 203 -10.31 -4.68 40.38
CA ILE B 203 -9.94 -5.36 39.15
C ILE B 203 -11.21 -5.60 38.35
N THR B 204 -11.23 -5.10 37.11
CA THR B 204 -12.37 -5.23 36.22
C THR B 204 -12.02 -6.18 35.08
N LEU B 205 -12.84 -7.22 34.90
CA LEU B 205 -12.62 -8.18 33.83
C LEU B 205 -13.20 -7.63 32.53
N LEU B 206 -12.35 -7.48 31.52
CA LEU B 206 -12.75 -6.91 30.24
C LEU B 206 -13.14 -7.96 29.21
N SER B 207 -12.39 -9.06 29.11
CA SER B 207 -12.68 -10.08 28.12
C SER B 207 -12.22 -11.45 28.60
N PRO B 208 -13.14 -12.34 28.97
CA PRO B 208 -12.74 -13.69 29.39
C PRO B 208 -12.16 -14.49 28.23
N CYS B 209 -11.28 -15.42 28.58
CA CYS B 209 -10.66 -16.34 27.63
C CYS B 209 -11.28 -17.72 27.82
N LEU B 210 -12.10 -18.15 26.85
CA LEU B 210 -12.78 -19.43 26.98
C LEU B 210 -11.81 -20.60 26.81
N HIS B 211 -10.95 -20.54 25.81
CA HIS B 211 -10.02 -21.62 25.55
C HIS B 211 -8.87 -21.59 26.56
N MET B 212 -8.12 -22.68 26.62
CA MET B 212 -7.02 -22.84 27.55
C MET B 212 -5.72 -22.49 26.84
N LEU B 213 -4.99 -21.51 27.36
CA LEU B 213 -3.69 -21.14 26.82
C LEU B 213 -2.66 -22.19 27.20
N PRO B 214 -1.93 -22.78 26.26
CA PRO B 214 -0.90 -23.76 26.62
C PRO B 214 0.17 -23.14 27.49
N HIS B 215 0.65 -23.92 28.45
CA HIS B 215 1.66 -23.46 29.41
C HIS B 215 2.97 -24.19 29.11
N LEU B 216 3.82 -23.49 28.33
CA LEU B 216 5.16 -24.01 27.97
C LEU B 216 6.15 -22.85 28.14
N HIS B 217 7.34 -23.09 28.68
CA HIS B 217 8.30 -21.99 28.98
C HIS B 217 9.08 -21.57 27.73
N PHE B 218 8.67 -22.03 26.55
CA PHE B 218 9.32 -21.62 25.31
C PHE B 218 8.37 -21.10 24.25
N GLY B 219 7.06 -21.08 24.50
CA GLY B 219 6.13 -20.70 23.46
C GLY B 219 5.91 -21.81 22.46
N LEU B 220 4.73 -21.80 21.84
CA LEU B 220 4.37 -22.83 20.87
C LEU B 220 5.37 -22.89 19.74
N LYS B 221 5.80 -24.12 19.40
CA LYS B 221 6.87 -24.31 18.43
C LYS B 221 6.40 -25.00 17.15
N ASP B 222 5.24 -25.64 17.17
CA ASP B 222 4.72 -26.28 15.97
C ASP B 222 4.43 -25.23 14.91
N LYS B 223 5.07 -25.39 13.74
CA LYS B 223 4.97 -24.37 12.70
C LYS B 223 3.53 -24.20 12.22
N GLU B 224 2.80 -25.31 12.10
CA GLU B 224 1.41 -25.24 11.65
C GLU B 224 0.57 -24.40 12.61
N THR B 225 0.68 -24.66 13.91
CA THR B 225 -0.10 -23.90 14.89
C THR B 225 0.34 -22.44 14.93
N ARG B 226 1.65 -22.20 14.76
CA ARG B 226 2.15 -20.83 14.77
C ARG B 226 1.60 -20.02 13.60
N TYR B 227 1.57 -20.62 12.40
CA TYR B 227 1.18 -19.86 11.22
C TYR B 227 -0.34 -19.76 11.10
N ARG B 228 -1.05 -20.87 11.31
CA ARG B 228 -2.50 -20.86 11.15
C ARG B 228 -3.16 -19.93 12.16
N GLN B 229 -2.68 -19.93 13.40
CA GLN B 229 -3.21 -19.08 14.46
C GLN B 229 -2.13 -18.06 14.83
N ARG B 230 -2.11 -16.95 14.09
CA ARG B 230 -1.10 -15.92 14.34
C ARG B 230 -1.34 -15.21 15.66
N TYR B 231 -2.60 -15.09 16.08
CA TYR B 231 -2.88 -14.43 17.36
C TYR B 231 -2.27 -15.22 18.52
N LEU B 232 -2.33 -16.54 18.47
CA LEU B 232 -1.66 -17.35 19.49
C LEU B 232 -0.17 -17.15 19.46
N ASP B 233 0.43 -17.04 18.27
CA ASP B 233 1.85 -16.80 18.16
C ASP B 233 2.24 -15.46 18.80
N LEU B 234 1.44 -14.42 18.55
CA LEU B 234 1.72 -13.13 19.17
C LEU B 234 1.51 -13.18 20.68
N ILE B 235 0.53 -13.95 21.13
CA ILE B 235 0.24 -14.03 22.56
C ILE B 235 1.39 -14.72 23.30
N LEU B 236 1.87 -15.85 22.77
CA LEU B 236 2.88 -16.63 23.47
C LEU B 236 4.30 -16.19 23.09
N ASN B 237 4.65 -16.27 21.81
CA ASN B 237 5.97 -15.87 21.37
C ASN B 237 6.10 -14.35 21.35
N ASP B 238 7.34 -13.88 21.54
CA ASP B 238 7.62 -12.46 21.65
C ASP B 238 8.35 -11.88 20.45
N PHE B 239 9.12 -12.70 19.73
CA PHE B 239 9.91 -12.19 18.61
C PHE B 239 9.06 -11.90 17.38
N VAL B 240 7.84 -12.42 17.32
CA VAL B 240 6.99 -12.21 16.15
C VAL B 240 6.62 -10.74 16.02
N ARG B 241 6.28 -10.12 17.15
CA ARG B 241 5.96 -8.67 17.14
C ARG B 241 7.20 -7.91 16.62
N GLN B 242 8.39 -8.26 17.12
CA GLN B 242 9.60 -7.58 16.68
C GLN B 242 9.82 -7.74 15.18
N LYS B 243 9.57 -8.94 14.66
CA LYS B 243 9.70 -9.16 13.21
C LYS B 243 8.75 -8.27 12.43
N PHE B 244 7.50 -8.18 12.86
CA PHE B 244 6.54 -7.34 12.15
C PHE B 244 6.88 -5.86 12.27
N ILE B 245 7.37 -5.43 13.43
CA ILE B 245 7.80 -4.05 13.59
C ILE B 245 8.98 -3.74 12.67
N ILE B 246 9.91 -4.68 12.54
CA ILE B 246 11.05 -4.49 11.65
C ILE B 246 10.58 -4.37 10.21
N ARG B 247 9.63 -5.21 9.80
CA ARG B 247 9.09 -5.11 8.44
C ARG B 247 8.43 -3.76 8.19
N SER B 248 7.62 -3.31 9.15
CA SER B 248 6.96 -2.01 9.01
C SER B 248 7.99 -0.88 8.93
N LYS B 249 9.05 -0.97 9.73
CA LYS B 249 10.11 0.03 9.68
C LYS B 249 10.86 0.00 8.35
N ILE B 250 11.04 -1.18 7.77
CA ILE B 250 11.64 -1.28 6.43
C ILE B 250 10.79 -0.51 5.44
N ILE B 251 9.48 -0.77 5.43
CA ILE B 251 8.60 -0.09 4.48
C ILE B 251 8.61 1.41 4.72
N THR B 252 8.56 1.83 5.99
CA THR B 252 8.54 3.25 6.31
C THR B 252 9.84 3.93 5.87
N TYR B 253 10.98 3.28 6.08
CA TYR B 253 12.24 3.88 5.67
C TYR B 253 12.32 4.01 4.16
N ILE B 254 11.86 2.99 3.43
CA ILE B 254 11.86 3.07 1.97
C ILE B 254 11.00 4.24 1.51
N ARG B 255 9.80 4.36 2.09
CA ARG B 255 8.90 5.44 1.71
C ARG B 255 9.52 6.80 2.00
N SER B 256 10.11 6.96 3.18
CA SER B 256 10.70 8.25 3.56
C SER B 256 11.87 8.61 2.66
N PHE B 257 12.73 7.64 2.35
CA PHE B 257 13.89 7.92 1.51
C PHE B 257 13.45 8.30 0.10
N LEU B 258 12.51 7.55 -0.47
CA LEU B 258 12.06 7.88 -1.82
C LEU B 258 11.32 9.22 -1.85
N ASP B 259 10.58 9.54 -0.78
CA ASP B 259 9.90 10.83 -0.73
C ASP B 259 10.90 11.98 -0.62
N GLU B 260 11.95 11.82 0.19
CA GLU B 260 12.93 12.88 0.31
C GLU B 260 13.83 12.99 -0.92
N LEU B 261 13.90 11.96 -1.76
CA LEU B 261 14.54 12.07 -3.06
C LEU B 261 13.68 12.80 -4.07
N GLY B 262 12.42 13.08 -3.74
CA GLY B 262 11.53 13.77 -4.65
C GLY B 262 10.59 12.91 -5.45
N PHE B 263 10.49 11.62 -5.14
CA PHE B 263 9.61 10.73 -5.88
C PHE B 263 8.15 10.99 -5.50
N LEU B 264 7.24 10.43 -6.31
CA LEU B 264 5.82 10.56 -6.10
C LEU B 264 5.21 9.17 -5.94
N GLU B 265 4.40 8.99 -4.90
CA GLU B 265 3.75 7.71 -4.65
C GLU B 265 2.49 7.59 -5.49
N ILE B 266 2.34 6.46 -6.18
CA ILE B 266 1.23 6.24 -7.10
C ILE B 266 0.57 4.91 -6.77
N GLU B 267 -0.68 4.78 -7.22
CA GLU B 267 -1.47 3.57 -7.01
C GLU B 267 -1.96 3.08 -8.37
N THR B 268 -1.18 2.20 -8.99
CA THR B 268 -1.54 1.61 -10.27
C THR B 268 -2.60 0.54 -10.09
N PRO B 269 -3.43 0.30 -11.11
CA PRO B 269 -4.48 -0.72 -10.98
C PRO B 269 -3.91 -2.10 -10.74
N MET B 270 -4.60 -2.87 -9.91
CA MET B 270 -4.23 -4.26 -9.65
C MET B 270 -4.90 -5.23 -10.60
N MET B 271 -5.85 -4.74 -11.40
CA MET B 271 -6.59 -5.59 -12.37
C MET B 271 -6.28 -5.10 -13.79
N ASN B 272 -5.84 -6.01 -14.68
CA ASN B 272 -5.53 -5.65 -16.05
C ASN B 272 -6.39 -6.47 -17.01
N ILE B 273 -6.67 -5.87 -18.17
CA ILE B 273 -7.40 -6.60 -19.20
C ILE B 273 -6.57 -7.77 -19.71
N ILE B 274 -5.27 -7.55 -19.91
CA ILE B 274 -4.36 -8.60 -20.37
C ILE B 274 -3.16 -8.68 -19.45
N PRO B 275 -2.51 -9.84 -19.34
CA PRO B 275 -1.32 -9.93 -18.48
C PRO B 275 -0.16 -9.13 -19.03
N GLY B 276 0.71 -8.69 -18.14
CA GLY B 276 1.89 -7.93 -18.54
C GLY B 276 2.65 -7.45 -17.33
N GLY B 277 3.93 -7.15 -17.58
CA GLY B 277 4.79 -6.59 -16.56
C GLY B 277 5.98 -7.46 -16.20
N ALA B 278 5.77 -8.76 -16.06
CA ALA B 278 6.85 -9.67 -15.71
C ALA B 278 6.45 -11.09 -16.07
N VAL B 279 7.44 -11.97 -16.17
CA VAL B 279 7.18 -13.37 -16.52
C VAL B 279 6.60 -14.08 -15.30
N ALA B 280 5.36 -14.55 -15.43
CA ALA B 280 4.65 -15.20 -14.34
C ALA B 280 3.35 -15.79 -14.89
N LYS B 281 2.64 -16.50 -14.03
CA LYS B 281 1.31 -17.04 -14.32
C LYS B 281 0.27 -16.21 -13.59
N PRO B 282 -0.74 -15.69 -14.27
CA PRO B 282 -1.66 -14.74 -13.64
C PRO B 282 -2.85 -15.42 -12.97
N PHE B 283 -3.48 -14.67 -12.08
CA PHE B 283 -4.73 -15.09 -11.43
C PHE B 283 -5.89 -14.54 -12.25
N ILE B 284 -6.65 -15.43 -12.88
CA ILE B 284 -7.76 -15.02 -13.72
C ILE B 284 -9.00 -14.84 -12.85
N THR B 285 -9.72 -13.73 -13.07
CA THR B 285 -10.95 -13.44 -12.36
C THR B 285 -12.00 -13.03 -13.37
N TYR B 286 -13.28 -13.21 -13.04
CA TYR B 286 -14.36 -12.86 -13.93
C TYR B 286 -15.10 -11.63 -13.43
N HIS B 287 -15.42 -10.72 -14.34
CA HIS B 287 -16.21 -9.54 -14.00
C HIS B 287 -17.67 -9.79 -14.34
N ASN B 288 -18.56 -9.39 -13.44
CA ASN B 288 -19.98 -9.71 -13.57
C ASN B 288 -20.72 -8.74 -14.50
N GLU B 289 -20.68 -7.44 -14.20
CA GLU B 289 -21.43 -6.49 -15.00
C GLU B 289 -20.93 -6.46 -16.44
N LEU B 290 -19.61 -6.45 -16.62
CA LEU B 290 -18.99 -6.50 -17.94
C LEU B 290 -18.39 -7.88 -18.13
N ASP B 291 -18.85 -8.58 -19.17
CA ASP B 291 -18.49 -9.98 -19.40
C ASP B 291 -17.05 -10.03 -19.91
N MET B 292 -16.12 -10.07 -18.94
CA MET B 292 -14.69 -10.07 -19.31
C MET B 292 -13.85 -10.68 -18.18
N ASN B 293 -12.69 -11.23 -18.53
CA ASN B 293 -11.76 -11.81 -17.56
C ASN B 293 -10.66 -10.80 -17.27
N LEU B 294 -10.45 -10.51 -16.00
CA LEU B 294 -9.40 -9.62 -15.54
C LEU B 294 -8.23 -10.43 -14.99
N TYR B 295 -7.03 -10.07 -15.40
CA TYR B 295 -5.82 -10.74 -14.94
C TYR B 295 -5.16 -9.89 -13.85
N MET B 296 -4.86 -10.51 -12.72
CA MET B 296 -4.35 -9.77 -11.58
C MET B 296 -2.95 -9.24 -11.87
N ARG B 297 -2.57 -8.19 -11.14
CA ARG B 297 -1.29 -7.54 -11.35
C ARG B 297 -0.15 -8.51 -11.08
N ILE B 298 0.81 -8.54 -12.01
CA ILE B 298 2.04 -9.28 -11.83
C ILE B 298 3.20 -8.36 -11.46
N ALA B 299 3.31 -7.22 -12.12
CA ALA B 299 4.30 -6.21 -11.81
C ALA B 299 3.74 -4.86 -12.25
N PRO B 300 3.81 -3.83 -11.41
CA PRO B 300 3.33 -2.49 -11.80
C PRO B 300 4.39 -1.75 -12.58
N GLU B 301 4.65 -2.23 -13.80
CA GLU B 301 5.77 -1.79 -14.61
C GLU B 301 5.37 -0.95 -15.82
N LEU B 302 4.41 -1.44 -16.61
CA LEU B 302 3.99 -0.68 -17.79
C LEU B 302 3.33 0.63 -17.40
N TYR B 303 2.49 0.61 -16.36
CA TYR B 303 1.76 1.81 -15.96
C TYR B 303 2.72 2.89 -15.47
N HIS B 304 3.78 2.49 -14.77
CA HIS B 304 4.78 3.46 -14.33
C HIS B 304 5.43 4.15 -15.52
N LYS B 305 5.75 3.40 -16.56
CA LYS B 305 6.37 4.00 -17.73
C LYS B 305 5.40 4.90 -18.50
N MET B 306 4.12 4.51 -18.54
CA MET B 306 3.13 5.41 -19.13
C MET B 306 3.02 6.71 -18.35
N LEU B 307 3.06 6.61 -17.02
CA LEU B 307 3.05 7.82 -16.19
C LEU B 307 4.28 8.68 -16.45
N VAL B 308 5.44 8.04 -16.59
CA VAL B 308 6.67 8.78 -16.90
C VAL B 308 6.55 9.49 -18.24
N VAL B 309 5.94 8.81 -19.23
CA VAL B 309 5.64 9.45 -20.50
C VAL B 309 4.73 10.65 -20.30
N GLY B 310 3.79 10.54 -19.35
CA GLY B 310 2.88 11.65 -19.09
C GLY B 310 3.60 12.92 -18.68
N GLY B 311 4.68 12.79 -17.93
CA GLY B 311 5.44 13.95 -17.53
C GLY B 311 6.03 13.88 -16.13
N ILE B 312 5.61 12.89 -15.35
CA ILE B 312 6.13 12.70 -14.01
C ILE B 312 7.44 11.94 -14.12
N ASP B 313 8.57 12.64 -13.92
CA ASP B 313 9.88 12.04 -14.14
C ASP B 313 10.16 10.92 -13.14
N ARG B 314 9.84 11.13 -11.88
CA ARG B 314 10.14 10.16 -10.82
C ARG B 314 8.83 9.63 -10.25
N VAL B 315 8.69 8.31 -10.26
CA VAL B 315 7.52 7.64 -9.67
C VAL B 315 8.00 6.46 -8.84
N TYR B 316 7.18 6.08 -7.86
CA TYR B 316 7.48 4.90 -7.06
C TYR B 316 6.18 4.36 -6.49
N GLU B 317 6.20 3.06 -6.15
CA GLU B 317 5.04 2.39 -5.60
C GLU B 317 5.49 1.14 -4.87
N ILE B 318 5.03 1.00 -3.62
CA ILE B 318 5.24 -0.20 -2.83
C ILE B 318 3.90 -0.91 -2.78
N GLY B 319 3.78 -2.03 -3.48
CA GLY B 319 2.48 -2.66 -3.64
C GLY B 319 2.55 -4.16 -3.75
N ARG B 320 1.37 -4.77 -3.75
CA ARG B 320 1.20 -6.21 -3.78
C ARG B 320 1.18 -6.73 -5.22
N GLN B 321 1.86 -7.85 -5.43
CA GLN B 321 1.86 -8.56 -6.70
C GLN B 321 1.41 -10.00 -6.45
N PHE B 322 0.64 -10.53 -7.38
CA PHE B 322 0.06 -11.87 -7.28
C PHE B 322 0.67 -12.78 -8.32
N ARG B 323 1.11 -13.96 -7.88
CA ARG B 323 1.73 -14.94 -8.75
C ARG B 323 1.08 -16.29 -8.52
N ASN B 324 0.69 -16.96 -9.61
CA ASN B 324 -0.02 -18.23 -9.52
C ASN B 324 0.95 -19.42 -9.55
N GLU B 325 1.94 -19.39 -8.68
CA GLU B 325 2.86 -20.50 -8.52
C GLU B 325 2.44 -21.35 -7.33
N GLY B 326 3.30 -22.30 -6.94
CA GLY B 326 3.06 -23.09 -5.76
C GLY B 326 3.49 -22.35 -4.50
N ILE B 327 3.32 -23.03 -3.37
CA ILE B 327 3.67 -22.47 -2.07
C ILE B 327 4.78 -23.33 -1.47
N ASP B 328 5.87 -22.67 -1.09
CA ASP B 328 7.00 -23.35 -0.45
C ASP B 328 7.55 -22.42 0.63
N LEU B 329 8.74 -22.75 1.12
CA LEU B 329 9.36 -21.97 2.19
C LEU B 329 9.86 -20.61 1.72
N THR B 330 9.86 -20.35 0.41
CA THR B 330 10.38 -19.09 -0.12
C THR B 330 9.35 -18.31 -0.93
N HIS B 331 8.50 -18.98 -1.69
CA HIS B 331 7.56 -18.33 -2.58
C HIS B 331 6.15 -18.39 -2.00
N ASN B 332 5.37 -17.34 -2.27
CA ASN B 332 4.00 -17.20 -1.82
C ASN B 332 3.12 -16.79 -2.99
N PRO B 333 1.83 -17.12 -2.95
CA PRO B 333 0.93 -16.68 -4.03
C PRO B 333 0.85 -15.16 -4.17
N GLU B 334 1.00 -14.43 -3.07
CA GLU B 334 1.02 -12.97 -3.10
C GLU B 334 2.22 -12.47 -2.32
N PHE B 335 2.80 -11.36 -2.78
CA PHE B 335 3.93 -10.76 -2.09
C PHE B 335 3.87 -9.26 -2.28
N THR B 336 4.81 -8.55 -1.64
CA THR B 336 4.88 -7.09 -1.79
C THR B 336 6.24 -6.69 -2.30
N THR B 337 6.29 -5.79 -3.28
CA THR B 337 7.53 -5.31 -3.87
C THR B 337 7.46 -3.80 -4.03
N CYS B 338 8.63 -3.18 -4.04
CA CYS B 338 8.77 -1.74 -4.25
C CYS B 338 9.42 -1.50 -5.60
N GLU B 339 8.74 -0.72 -6.44
CA GLU B 339 9.22 -0.43 -7.80
C GLU B 339 9.21 1.07 -8.01
N PHE B 340 10.34 1.61 -8.47
CA PHE B 340 10.42 3.03 -8.82
C PHE B 340 11.04 3.20 -10.19
N TYR B 341 10.74 4.33 -10.81
CA TYR B 341 11.28 4.70 -12.11
C TYR B 341 11.71 6.16 -12.08
N MET B 342 12.92 6.42 -12.58
CA MET B 342 13.47 7.76 -12.62
C MET B 342 13.85 8.11 -14.05
N ALA B 343 13.42 9.29 -14.50
CA ALA B 343 13.76 9.76 -15.84
C ALA B 343 15.14 10.38 -15.87
N TYR B 344 15.75 10.38 -17.06
CA TYR B 344 17.08 10.95 -17.27
C TYR B 344 18.11 10.33 -16.35
N ALA B 345 18.05 9.00 -16.22
CA ALA B 345 19.01 8.25 -15.41
C ALA B 345 19.35 6.96 -16.15
N ASP B 346 20.14 6.12 -15.50
CA ASP B 346 20.52 4.81 -16.04
C ASP B 346 20.85 3.89 -14.87
N TYR B 347 21.17 2.64 -15.20
CA TYR B 347 21.41 1.65 -14.15
C TYR B 347 22.62 2.01 -13.30
N HIS B 348 23.64 2.62 -13.90
CA HIS B 348 24.79 3.05 -13.11
C HIS B 348 24.44 4.18 -12.15
N ASP B 349 23.43 5.00 -12.49
CA ASP B 349 22.95 5.99 -11.54
C ASP B 349 22.22 5.34 -10.38
N LEU B 350 21.47 4.27 -10.64
CA LEU B 350 20.78 3.55 -9.57
C LEU B 350 21.72 2.70 -8.74
N MET B 351 22.92 2.38 -9.26
CA MET B 351 23.85 1.55 -8.51
C MET B 351 24.26 2.22 -7.20
N GLU B 352 24.33 3.55 -7.18
CA GLU B 352 24.64 4.26 -5.95
C GLU B 352 23.40 4.50 -5.10
N ILE B 353 22.25 4.76 -5.73
CA ILE B 353 21.03 5.04 -5.00
C ILE B 353 20.59 3.82 -4.20
N THR B 354 20.60 2.64 -4.83
CA THR B 354 20.21 1.43 -4.13
C THR B 354 21.23 1.03 -3.07
N GLU B 355 22.51 1.29 -3.32
CA GLU B 355 23.53 1.03 -2.31
C GLU B 355 23.30 1.88 -1.06
N LYS B 356 23.03 3.17 -1.27
CA LYS B 356 22.72 4.04 -0.14
C LYS B 356 21.42 3.62 0.55
N MET B 357 20.41 3.24 -0.24
CA MET B 357 19.18 2.68 0.30
C MET B 357 19.47 1.56 1.29
N VAL B 358 20.17 0.53 0.82
CA VAL B 358 20.38 -0.67 1.63
C VAL B 358 21.24 -0.36 2.84
N SER B 359 22.33 0.40 2.64
CA SER B 359 23.22 0.70 3.76
C SER B 359 22.50 1.51 4.83
N GLY B 360 21.75 2.53 4.43
CA GLY B 360 21.01 3.33 5.39
C GLY B 360 19.94 2.54 6.10
N MET B 361 19.23 1.67 5.37
CA MET B 361 18.21 0.84 5.98
C MET B 361 18.81 -0.07 7.05
N VAL B 362 19.92 -0.74 6.71
CA VAL B 362 20.54 -1.66 7.65
C VAL B 362 21.06 -0.90 8.87
N LYS B 363 21.69 0.25 8.65
CA LYS B 363 22.21 1.03 9.77
C LYS B 363 21.08 1.53 10.67
N HIS B 364 19.99 2.02 10.07
CA HIS B 364 18.91 2.61 10.85
C HIS B 364 18.08 1.58 11.58
N ILE B 365 17.92 0.38 11.04
CA ILE B 365 17.05 -0.62 11.65
C ILE B 365 17.84 -1.55 12.54
N THR B 366 18.83 -2.25 11.98
CA THR B 366 19.63 -3.17 12.77
C THR B 366 20.42 -2.43 13.84
N GLY B 367 21.00 -1.29 13.48
CA GLY B 367 21.84 -0.51 14.39
C GLY B 367 23.30 -0.49 13.99
N SER B 368 23.72 -1.36 13.10
CA SER B 368 25.09 -1.39 12.62
C SER B 368 25.09 -1.90 11.18
N TYR B 369 26.28 -1.99 10.60
CA TYR B 369 26.45 -2.43 9.22
C TYR B 369 26.70 -3.92 9.10
N LYS B 370 26.73 -4.65 10.22
CA LYS B 370 27.02 -6.08 10.22
C LYS B 370 25.79 -6.84 10.71
N VAL B 371 25.41 -7.88 9.98
CA VAL B 371 24.22 -8.68 10.28
C VAL B 371 24.62 -10.14 10.36
N THR B 372 24.13 -10.84 11.37
CA THR B 372 24.32 -12.28 11.51
C THR B 372 23.07 -12.98 11.03
N TYR B 373 23.20 -13.81 9.99
CA TYR B 373 22.08 -14.48 9.37
C TYR B 373 22.31 -15.98 9.34
N HIS B 374 21.28 -16.74 9.69
CA HIS B 374 21.36 -18.19 9.66
C HIS B 374 20.66 -18.69 8.41
N PRO B 375 21.38 -19.24 7.42
CA PRO B 375 20.70 -19.71 6.21
C PRO B 375 19.70 -20.83 6.45
N ASP B 376 19.92 -21.67 7.46
CA ASP B 376 19.01 -22.77 7.74
C ASP B 376 19.07 -23.08 9.23
N GLY B 377 18.06 -22.63 9.97
CA GLY B 377 17.94 -22.94 11.37
C GLY B 377 18.90 -22.14 12.23
N PRO B 378 18.48 -21.86 13.47
CA PRO B 378 19.36 -21.12 14.40
C PRO B 378 20.48 -21.94 14.99
N GLU B 379 20.53 -23.25 14.71
CA GLU B 379 21.57 -24.13 15.21
C GLU B 379 22.68 -24.40 14.20
N GLY B 380 22.47 -24.04 12.93
CA GLY B 380 23.45 -24.27 11.90
C GLY B 380 24.48 -23.16 11.80
N GLN B 381 25.11 -23.07 10.64
CA GLN B 381 26.12 -22.05 10.41
C GLN B 381 25.48 -20.66 10.43
N ALA B 382 26.19 -19.70 11.02
CA ALA B 382 25.72 -18.33 11.16
C ALA B 382 26.62 -17.42 10.34
N TYR B 383 26.20 -17.14 9.11
CA TYR B 383 26.99 -16.28 8.23
C TYR B 383 26.95 -14.85 8.74
N ASP B 384 28.03 -14.12 8.48
CA ASP B 384 28.14 -12.71 8.84
C ASP B 384 28.23 -11.90 7.55
N VAL B 385 27.23 -11.03 7.35
CA VAL B 385 27.19 -10.18 6.12
C VAL B 385 27.42 -8.72 6.51
N ASP B 386 28.41 -8.08 5.88
CA ASP B 386 28.75 -6.68 6.15
C ASP B 386 28.14 -5.81 5.06
N PHE B 387 27.37 -4.80 5.47
CA PHE B 387 26.72 -3.88 4.55
C PHE B 387 27.51 -2.58 4.41
N THR B 388 28.84 -2.67 4.43
CA THR B 388 29.67 -1.50 4.26
C THR B 388 29.41 -0.86 2.90
N PRO B 389 29.16 0.44 2.84
CA PRO B 389 28.55 1.06 1.64
C PRO B 389 29.30 0.78 0.35
N PRO B 390 30.66 0.77 0.35
CA PRO B 390 31.35 0.38 -0.89
C PRO B 390 31.17 -1.09 -1.22
N PHE B 391 30.04 -1.42 -1.83
CA PHE B 391 29.75 -2.79 -2.22
C PHE B 391 30.72 -3.25 -3.31
N ARG B 392 30.60 -4.53 -3.66
CA ARG B 392 31.42 -5.14 -4.70
C ARG B 392 30.63 -5.20 -5.99
N ARG B 393 31.15 -4.56 -7.04
CA ARG B 393 30.54 -4.58 -8.37
C ARG B 393 31.32 -5.60 -9.21
N ILE B 394 30.60 -6.58 -9.75
CA ILE B 394 31.20 -7.68 -10.49
C ILE B 394 30.53 -7.77 -11.85
N ASN B 395 31.33 -7.84 -12.90
CA ASN B 395 30.81 -8.11 -14.23
C ASN B 395 30.41 -9.57 -14.34
N MET B 396 29.21 -9.83 -14.86
CA MET B 396 28.70 -11.18 -14.96
C MET B 396 29.57 -12.05 -15.86
N VAL B 397 29.79 -11.61 -17.09
CA VAL B 397 30.56 -12.45 -18.06
C VAL B 397 32.00 -12.60 -17.58
N GLU B 398 32.65 -11.52 -17.14
CA GLU B 398 34.06 -11.59 -16.78
C GLU B 398 34.26 -12.52 -15.59
N GLU B 399 33.39 -12.41 -14.58
CA GLU B 399 33.53 -13.26 -13.40
C GLU B 399 33.17 -14.71 -13.73
N LEU B 400 32.20 -14.91 -14.63
CA LEU B 400 31.89 -16.27 -15.06
C LEU B 400 33.09 -16.90 -15.74
N GLU B 401 33.78 -16.14 -16.60
CA GLU B 401 34.99 -16.63 -17.25
C GLU B 401 36.08 -16.93 -16.21
N LYS B 402 36.25 -16.04 -15.24
CA LYS B 402 37.27 -16.21 -14.22
C LYS B 402 37.02 -17.50 -13.43
N ALA B 403 35.76 -17.74 -13.07
CA ALA B 403 35.42 -18.97 -12.37
C ALA B 403 35.67 -20.18 -13.26
N LEU B 404 35.29 -20.10 -14.54
CA LEU B 404 35.46 -21.23 -15.44
C LEU B 404 36.87 -21.32 -16.00
N GLY B 405 37.59 -20.20 -16.09
CA GLY B 405 38.93 -20.20 -16.64
C GLY B 405 38.96 -20.14 -18.16
N MET B 406 38.18 -21.01 -18.80
CA MET B 406 38.11 -21.06 -20.26
C MET B 406 37.31 -19.89 -20.79
N LYS B 407 37.75 -19.34 -21.93
CA LYS B 407 37.16 -18.11 -22.46
C LYS B 407 35.95 -18.47 -23.32
N LEU B 408 34.76 -18.20 -22.78
CA LEU B 408 33.49 -18.44 -23.46
C LEU B 408 33.37 -17.48 -24.64
N PRO B 409 33.02 -17.95 -25.83
CA PRO B 409 33.04 -17.07 -27.00
C PRO B 409 32.13 -15.86 -26.85
N GLU B 410 32.50 -14.79 -27.56
CA GLU B 410 32.01 -13.45 -27.27
C GLU B 410 30.50 -13.34 -27.44
N THR B 411 29.88 -12.54 -26.56
CA THR B 411 28.43 -12.37 -26.54
C THR B 411 27.87 -11.84 -27.86
N ASN B 412 28.69 -11.10 -28.61
CA ASN B 412 28.21 -10.47 -29.84
C ASN B 412 27.70 -11.48 -30.86
N LEU B 413 28.49 -12.51 -31.15
CA LEU B 413 28.13 -13.48 -32.17
C LEU B 413 26.86 -14.24 -31.78
N PHE B 414 26.76 -14.62 -30.50
CA PHE B 414 25.66 -15.35 -29.89
C PHE B 414 25.75 -16.81 -30.34
N GLU B 415 26.56 -17.07 -31.36
CA GLU B 415 26.95 -18.41 -31.81
C GLU B 415 25.83 -19.42 -31.64
N THR B 416 24.70 -19.12 -32.27
CA THR B 416 23.53 -19.98 -32.19
C THR B 416 23.86 -21.38 -32.68
N GLU B 417 23.44 -22.38 -31.89
CA GLU B 417 23.74 -23.80 -32.15
C GLU B 417 25.24 -24.08 -32.08
N GLU B 418 26.02 -23.17 -31.51
CA GLU B 418 27.41 -23.45 -31.20
C GLU B 418 27.64 -23.35 -29.69
N THR B 419 27.28 -22.20 -29.12
CA THR B 419 27.37 -22.02 -27.68
C THR B 419 26.39 -22.91 -26.93
N ARG B 420 25.36 -23.42 -27.59
CA ARG B 420 24.49 -24.38 -26.92
C ARG B 420 25.27 -25.65 -26.62
N LYS B 421 25.98 -26.20 -27.61
CA LYS B 421 26.89 -27.30 -27.35
C LYS B 421 27.96 -26.92 -26.33
N ILE B 422 28.51 -25.71 -26.42
CA ILE B 422 29.56 -25.31 -25.48
C ILE B 422 29.06 -25.36 -24.04
N LEU B 423 27.91 -24.73 -23.79
CA LEU B 423 27.32 -24.73 -22.46
C LEU B 423 26.95 -26.14 -22.04
N ASP B 424 26.58 -26.99 -23.01
CA ASP B 424 26.30 -28.38 -22.69
C ASP B 424 27.54 -29.12 -22.22
N ASP B 425 28.69 -28.91 -22.88
CA ASP B 425 29.91 -29.55 -22.41
C ASP B 425 30.31 -29.01 -21.04
N ILE B 426 30.05 -27.73 -20.80
CA ILE B 426 30.33 -27.18 -19.47
C ILE B 426 29.44 -27.85 -18.42
N CYS B 427 28.15 -28.01 -18.71
CA CYS B 427 27.24 -28.61 -17.74
C CYS B 427 27.55 -30.07 -17.49
N VAL B 428 27.96 -30.82 -18.52
CA VAL B 428 28.37 -32.21 -18.36
C VAL B 428 29.70 -32.34 -17.63
N ALA B 429 30.68 -31.51 -17.98
CA ALA B 429 32.01 -31.62 -17.37
C ALA B 429 32.03 -31.01 -15.97
N LYS B 430 31.61 -29.75 -15.86
CA LYS B 430 31.59 -29.08 -14.56
C LYS B 430 30.48 -29.60 -13.65
N ALA B 431 29.59 -30.46 -14.17
CA ALA B 431 28.61 -31.17 -13.38
C ALA B 431 27.60 -30.22 -12.72
N VAL B 432 26.90 -29.47 -13.57
CA VAL B 432 25.76 -28.68 -13.14
C VAL B 432 24.49 -29.28 -13.77
N GLU B 433 23.48 -29.52 -12.95
CA GLU B 433 22.27 -30.20 -13.40
C GLU B 433 21.48 -29.30 -14.36
N CYS B 434 20.97 -29.90 -15.43
CA CYS B 434 20.26 -29.17 -16.49
C CYS B 434 18.91 -29.81 -16.77
N PRO B 435 17.89 -29.48 -15.97
CA PRO B 435 16.58 -30.11 -16.19
C PRO B 435 15.92 -29.63 -17.48
N PRO B 436 15.80 -28.31 -17.74
CA PRO B 436 15.46 -27.86 -19.09
C PRO B 436 16.71 -27.51 -19.89
N PRO B 437 17.39 -28.48 -20.50
CA PRO B 437 18.63 -28.14 -21.23
C PRO B 437 18.40 -27.21 -22.41
N ARG B 438 17.16 -27.02 -22.83
CA ARG B 438 16.84 -26.17 -23.96
C ARG B 438 17.30 -24.73 -23.72
N THR B 439 17.80 -24.10 -24.79
CA THR B 439 18.17 -22.69 -24.83
C THR B 439 19.41 -22.40 -24.01
N THR B 440 20.23 -21.45 -24.48
CA THR B 440 21.41 -21.05 -23.72
C THR B 440 21.03 -20.33 -22.44
N ALA B 441 19.84 -19.74 -22.40
CA ALA B 441 19.42 -18.93 -21.26
C ALA B 441 19.39 -19.75 -19.97
N ARG B 442 18.71 -20.90 -20.00
CA ARG B 442 18.62 -21.74 -18.82
C ARG B 442 20.00 -22.21 -18.39
N LEU B 443 20.81 -22.65 -19.35
CA LEU B 443 22.13 -23.18 -19.03
C LEU B 443 23.01 -22.13 -18.37
N LEU B 444 23.16 -20.98 -18.99
CA LEU B 444 24.07 -19.96 -18.42
C LEU B 444 23.49 -19.51 -17.07
N ASP B 445 22.15 -19.36 -16.95
CA ASP B 445 21.60 -19.05 -15.65
C ASP B 445 22.06 -20.08 -14.62
N LYS B 446 22.09 -21.34 -15.03
CA LYS B 446 22.54 -22.41 -14.15
C LYS B 446 24.00 -22.24 -13.76
N LEU B 447 24.84 -21.91 -14.75
CA LEU B 447 26.28 -21.69 -14.47
C LEU B 447 26.43 -20.51 -13.51
N VAL B 448 25.78 -19.37 -13.78
CA VAL B 448 25.97 -18.21 -12.93
C VAL B 448 25.42 -18.47 -11.54
N GLY B 449 24.39 -19.31 -11.44
CA GLY B 449 23.89 -19.68 -10.13
C GLY B 449 24.87 -20.56 -9.36
N GLU B 450 25.51 -21.50 -10.05
CA GLU B 450 26.38 -22.46 -9.40
C GLU B 450 27.81 -21.95 -9.21
N PHE B 451 28.17 -20.83 -9.84
CA PHE B 451 29.55 -20.37 -9.84
C PHE B 451 29.74 -18.94 -9.39
N LEU B 452 28.72 -18.09 -9.47
CA LEU B 452 28.86 -16.68 -9.17
C LEU B 452 28.13 -16.26 -7.90
N GLU B 453 26.83 -16.52 -7.82
CA GLU B 453 26.05 -16.08 -6.67
C GLU B 453 26.34 -16.89 -5.42
N VAL B 454 27.04 -18.01 -5.53
CA VAL B 454 27.36 -18.82 -4.36
C VAL B 454 28.32 -18.11 -3.43
N THR B 455 29.20 -17.25 -3.95
CA THR B 455 30.16 -16.53 -3.13
C THR B 455 29.69 -15.14 -2.73
N CYS B 456 28.48 -14.73 -3.12
CA CYS B 456 27.98 -13.40 -2.81
C CYS B 456 27.32 -13.38 -1.43
N ILE B 457 28.13 -13.62 -0.40
CA ILE B 457 27.68 -13.56 0.97
C ILE B 457 27.36 -12.11 1.30
N ASN B 458 28.37 -11.24 1.19
CA ASN B 458 28.14 -9.82 1.33
C ASN B 458 27.34 -9.30 0.12
N PRO B 459 26.63 -8.19 0.26
CA PRO B 459 25.89 -7.65 -0.89
C PRO B 459 26.83 -7.36 -2.05
N THR B 460 26.36 -7.70 -3.26
CA THR B 460 27.21 -7.63 -4.44
C THR B 460 26.36 -7.37 -5.67
N PHE B 461 26.76 -6.38 -6.45
CA PHE B 461 26.11 -6.06 -7.71
C PHE B 461 26.68 -6.96 -8.80
N ILE B 462 25.79 -7.56 -9.60
CA ILE B 462 26.18 -8.37 -10.75
C ILE B 462 25.67 -7.64 -11.99
N CYS B 463 26.56 -7.02 -12.74
CA CYS B 463 26.17 -6.13 -13.83
C CYS B 463 26.48 -6.75 -15.19
N ASP B 464 25.90 -6.14 -16.22
CA ASP B 464 26.16 -6.47 -17.63
C ASP B 464 25.81 -7.93 -17.94
N HIS B 465 24.51 -8.20 -17.82
CA HIS B 465 24.00 -9.55 -18.14
C HIS B 465 23.74 -9.65 -19.63
N PRO B 466 23.70 -10.86 -20.21
CA PRO B 466 23.45 -11.04 -21.64
C PRO B 466 22.10 -10.49 -22.04
N GLN B 467 21.99 -10.08 -23.32
CA GLN B 467 20.77 -9.44 -23.79
C GLN B 467 19.58 -10.38 -23.75
N ILE B 468 19.77 -11.64 -24.14
CA ILE B 468 18.64 -12.56 -24.28
C ILE B 468 18.10 -12.99 -22.91
N MET B 469 18.81 -12.64 -21.83
CA MET B 469 18.21 -12.71 -20.50
C MET B 469 17.05 -11.74 -20.31
N SER B 470 17.23 -10.46 -20.61
CA SER B 470 16.23 -9.45 -20.32
C SER B 470 15.52 -9.01 -21.59
N PRO B 471 14.19 -9.10 -21.64
CA PRO B 471 13.45 -8.62 -22.82
C PRO B 471 13.03 -7.16 -22.76
N LEU B 472 13.31 -6.44 -21.66
CA LEU B 472 12.92 -5.04 -21.57
C LEU B 472 14.05 -4.24 -20.91
N ALA B 473 15.28 -4.47 -21.35
CA ALA B 473 16.43 -3.68 -20.92
C ALA B 473 17.16 -3.17 -22.16
N LYS B 474 17.55 -1.90 -22.14
CA LYS B 474 18.19 -1.30 -23.30
C LYS B 474 19.56 -1.92 -23.54
N TRP B 475 19.95 -1.99 -24.80
CA TRP B 475 21.23 -2.60 -25.17
C TRP B 475 22.39 -1.80 -24.61
N HIS B 476 23.52 -2.49 -24.42
CA HIS B 476 24.72 -1.84 -23.89
C HIS B 476 25.21 -0.77 -24.84
N ARG B 477 25.58 0.39 -24.28
CA ARG B 477 26.06 1.50 -25.12
C ARG B 477 27.43 1.17 -25.72
N SER B 478 28.33 0.59 -24.94
CA SER B 478 29.67 0.26 -25.41
C SER B 478 29.72 -1.17 -25.95
N LYS B 479 29.38 -2.15 -25.12
CA LYS B 479 29.34 -3.54 -25.53
C LYS B 479 28.10 -3.79 -26.39
N GLU B 480 28.03 -4.99 -26.97
CA GLU B 480 26.89 -5.39 -27.78
C GLU B 480 26.46 -6.80 -27.36
N GLY B 481 25.15 -7.05 -27.45
CA GLY B 481 24.62 -8.30 -26.96
C GLY B 481 24.50 -8.37 -25.45
N LEU B 482 24.70 -7.25 -24.76
CA LEU B 482 24.65 -7.18 -23.32
C LEU B 482 23.60 -6.16 -22.90
N THR B 483 22.84 -6.48 -21.86
CA THR B 483 21.82 -5.58 -21.36
C THR B 483 22.37 -4.73 -20.21
N GLU B 484 21.82 -3.52 -20.08
CA GLU B 484 22.21 -2.60 -19.02
C GLU B 484 21.37 -2.91 -17.79
N ARG B 485 21.92 -3.70 -16.88
CA ARG B 485 21.19 -4.10 -15.69
C ARG B 485 22.17 -4.56 -14.63
N PHE B 486 21.69 -4.64 -13.40
CA PHE B 486 22.45 -5.20 -12.29
C PHE B 486 21.49 -5.87 -11.32
N GLU B 487 22.04 -6.75 -10.48
CA GLU B 487 21.26 -7.45 -9.47
C GLU B 487 22.02 -7.39 -8.16
N LEU B 488 21.30 -7.14 -7.07
CA LEU B 488 21.91 -7.06 -5.74
C LEU B 488 21.78 -8.42 -5.07
N PHE B 489 22.90 -9.14 -4.97
CA PHE B 489 22.94 -10.47 -4.38
C PHE B 489 23.50 -10.35 -2.97
N VAL B 490 22.67 -10.65 -1.98
CA VAL B 490 23.08 -10.71 -0.58
C VAL B 490 22.71 -12.08 -0.04
N MET B 491 23.64 -12.71 0.68
CA MET B 491 23.43 -14.05 1.24
C MET B 491 23.00 -15.04 0.16
N LYS B 492 23.65 -14.95 -1.01
CA LYS B 492 23.38 -15.81 -2.16
C LYS B 492 21.96 -15.68 -2.68
N LYS B 493 21.30 -14.53 -2.47
CA LYS B 493 19.94 -14.33 -2.95
C LYS B 493 19.79 -12.93 -3.50
N GLU B 494 19.11 -12.81 -4.63
CA GLU B 494 18.80 -11.51 -5.20
C GLU B 494 17.71 -10.82 -4.38
N ILE B 495 17.88 -9.52 -4.14
CA ILE B 495 16.87 -8.72 -3.46
C ILE B 495 16.27 -7.66 -4.37
N CYS B 496 17.12 -6.89 -5.06
CA CYS B 496 16.66 -5.84 -5.95
C CYS B 496 17.45 -5.87 -7.24
N ASN B 497 16.79 -5.46 -8.33
CA ASN B 497 17.43 -5.38 -9.63
C ASN B 497 16.92 -4.13 -10.36
N ALA B 498 17.76 -3.63 -11.26
CA ALA B 498 17.46 -2.41 -12.00
C ALA B 498 17.67 -2.64 -13.49
N TYR B 499 16.91 -1.88 -14.27
CA TYR B 499 16.94 -1.96 -15.73
C TYR B 499 17.08 -0.57 -16.31
N THR B 500 17.69 -0.50 -17.49
CA THR B 500 17.66 0.71 -18.32
C THR B 500 16.54 0.52 -19.34
N GLU B 501 15.50 1.34 -19.20
CA GLU B 501 14.28 1.13 -20.00
C GLU B 501 14.50 1.23 -21.51
N LEU B 502 13.78 0.39 -22.25
CA LEU B 502 13.83 0.36 -23.71
C LEU B 502 12.79 1.34 -24.22
N ASN B 503 13.22 2.57 -24.51
CA ASN B 503 12.31 3.59 -25.00
C ASN B 503 12.09 3.52 -26.51
N ASP B 504 12.80 2.64 -27.20
CA ASP B 504 12.60 2.49 -28.64
C ASP B 504 11.28 1.77 -28.91
N PRO B 505 10.35 2.38 -29.64
CA PRO B 505 9.05 1.72 -29.85
C PRO B 505 9.12 0.55 -30.81
N MET B 506 9.93 0.64 -31.86
CA MET B 506 10.01 -0.45 -32.83
C MET B 506 10.63 -1.69 -32.22
N ARG B 507 11.76 -1.51 -31.53
CA ARG B 507 12.40 -2.65 -30.83
C ARG B 507 11.42 -3.23 -29.82
N GLN B 508 10.77 -2.36 -29.03
CA GLN B 508 9.83 -2.83 -28.01
C GLN B 508 8.71 -3.66 -28.63
N ARG B 509 8.16 -3.20 -29.76
CA ARG B 509 7.12 -3.96 -30.42
C ARG B 509 7.64 -5.29 -30.94
N GLN B 510 8.87 -5.30 -31.48
CA GLN B 510 9.45 -6.55 -31.95
C GLN B 510 9.63 -7.55 -30.80
N LEU B 511 10.14 -7.08 -29.66
CA LEU B 511 10.32 -7.96 -28.52
C LEU B 511 8.99 -8.43 -27.95
N PHE B 512 7.99 -7.56 -27.92
CA PHE B 512 6.65 -7.97 -27.51
C PHE B 512 6.07 -9.02 -28.45
N GLU B 513 6.32 -8.88 -29.75
CA GLU B 513 5.86 -9.88 -30.70
C GLU B 513 6.55 -11.22 -30.46
N GLU B 514 7.85 -11.19 -30.18
CA GLU B 514 8.57 -12.42 -29.84
C GLU B 514 7.98 -13.06 -28.58
N GLN B 515 7.69 -12.24 -27.57
CA GLN B 515 7.10 -12.75 -26.34
C GLN B 515 5.72 -13.36 -26.60
N ALA B 516 4.93 -12.71 -27.47
CA ALA B 516 3.61 -13.23 -27.80
C ALA B 516 3.71 -14.56 -28.54
N LYS B 517 4.67 -14.67 -29.45
CA LYS B 517 4.89 -15.94 -30.15
C LYS B 517 5.30 -17.03 -29.17
N ALA B 518 6.16 -16.69 -28.21
CA ALA B 518 6.54 -17.66 -27.19
C ALA B 518 5.34 -18.07 -26.35
N LYS B 519 4.49 -17.12 -25.97
CA LYS B 519 3.30 -17.43 -25.18
C LYS B 519 2.35 -18.35 -25.94
N ALA B 520 2.14 -18.07 -27.24
CA ALA B 520 1.28 -18.92 -28.04
C ALA B 520 1.86 -20.33 -28.15
N ALA B 521 3.17 -20.43 -28.36
CA ALA B 521 3.84 -21.73 -28.45
C ALA B 521 5.31 -21.51 -28.12
N GLY B 522 5.72 -21.98 -26.94
CA GLY B 522 7.10 -21.88 -26.54
C GLY B 522 7.31 -21.48 -25.09
N ASP B 523 6.38 -20.71 -24.54
CA ASP B 523 6.50 -20.24 -23.17
C ASP B 523 5.10 -20.07 -22.56
N ASP B 524 5.05 -20.07 -21.24
CA ASP B 524 3.82 -19.85 -20.49
C ASP B 524 3.80 -18.55 -19.72
N GLU B 525 4.96 -18.06 -19.28
CA GLU B 525 5.06 -16.84 -18.50
C GLU B 525 5.16 -15.58 -19.36
N ALA B 526 5.17 -15.72 -20.68
CA ALA B 526 5.30 -14.56 -21.55
C ALA B 526 4.02 -13.74 -21.56
N MET B 527 4.15 -12.47 -21.96
CA MET B 527 3.04 -11.54 -21.98
C MET B 527 2.47 -11.43 -23.39
N PHE B 528 1.30 -10.82 -23.48
CA PHE B 528 0.65 -10.56 -24.75
C PHE B 528 1.03 -9.17 -25.25
N ILE B 529 0.45 -8.75 -26.37
CA ILE B 529 0.74 -7.44 -26.95
C ILE B 529 -0.13 -6.40 -26.25
N ASP B 530 0.51 -5.47 -25.55
CA ASP B 530 -0.20 -4.36 -24.92
C ASP B 530 -0.09 -3.15 -25.84
N GLU B 531 -1.15 -2.90 -26.61
CA GLU B 531 -1.10 -1.84 -27.60
C GLU B 531 -1.08 -0.47 -26.95
N ASN B 532 -1.68 -0.34 -25.75
CA ASN B 532 -1.67 0.93 -25.05
C ASN B 532 -0.25 1.36 -24.70
N PHE B 533 0.56 0.41 -24.19
CA PHE B 533 1.95 0.74 -23.88
C PHE B 533 2.75 1.03 -25.13
N CYS B 534 2.44 0.34 -26.24
CA CYS B 534 3.11 0.62 -27.50
C CYS B 534 2.81 2.05 -27.96
N THR B 535 1.56 2.47 -27.85
CA THR B 535 1.21 3.86 -28.21
C THR B 535 1.88 4.85 -27.27
N ALA B 536 1.93 4.53 -25.97
CA ALA B 536 2.60 5.42 -25.02
C ALA B 536 4.07 5.58 -25.36
N LEU B 537 4.74 4.49 -25.72
CA LEU B 537 6.13 4.59 -26.15
C LEU B 537 6.26 5.34 -27.47
N GLU B 538 5.29 5.17 -28.36
CA GLU B 538 5.27 5.95 -29.59
C GLU B 538 5.17 7.44 -29.33
N TYR B 539 4.52 7.84 -28.24
CA TYR B 539 4.40 9.25 -27.90
C TYR B 539 5.69 9.84 -27.32
N GLY B 540 6.68 9.00 -27.02
CA GLY B 540 7.96 9.50 -26.56
C GLY B 540 8.24 9.27 -25.09
N LEU B 541 9.09 8.28 -24.80
CA LEU B 541 9.51 8.01 -23.43
C LEU B 541 10.93 8.48 -23.22
N PRO B 542 11.21 9.31 -22.22
CA PRO B 542 12.57 9.78 -22.00
C PRO B 542 13.49 8.63 -21.62
N PRO B 543 14.81 8.85 -21.62
CA PRO B 543 15.71 7.78 -21.15
C PRO B 543 15.59 7.59 -19.66
N THR B 544 14.94 6.52 -19.23
CA THR B 544 14.62 6.30 -17.83
C THR B 544 15.23 4.99 -17.34
N ALA B 545 15.31 4.87 -16.03
CA ALA B 545 15.81 3.68 -15.37
C ALA B 545 14.81 3.21 -14.32
N GLY B 546 14.58 1.90 -14.28
CA GLY B 546 13.67 1.31 -13.33
C GLY B 546 14.39 0.44 -12.31
N TRP B 547 13.76 0.30 -11.15
CA TRP B 547 14.36 -0.42 -10.04
C TRP B 547 13.26 -1.13 -9.27
N GLY B 548 13.53 -2.37 -8.87
CA GLY B 548 12.54 -3.17 -8.16
C GLY B 548 13.16 -4.05 -7.10
N MET B 549 12.58 -4.03 -5.90
CA MET B 549 13.08 -4.77 -4.76
C MET B 549 11.96 -5.59 -4.14
N GLY B 550 12.29 -6.83 -3.75
CA GLY B 550 11.36 -7.66 -3.03
C GLY B 550 11.41 -7.41 -1.55
N ILE B 551 10.32 -6.86 -1.00
CA ILE B 551 10.29 -6.47 0.41
C ILE B 551 10.38 -7.70 1.31
N ASP B 552 9.75 -8.81 0.88
CA ASP B 552 9.72 -10.00 1.71
C ASP B 552 11.11 -10.55 1.96
N ARG B 553 11.98 -10.51 0.97
CA ARG B 553 13.31 -11.11 1.16
C ARG B 553 14.15 -10.22 2.04
N VAL B 554 14.03 -8.91 1.89
CA VAL B 554 14.76 -8.01 2.79
C VAL B 554 14.29 -8.20 4.22
N ALA B 555 12.98 -8.33 4.42
CA ALA B 555 12.46 -8.57 5.76
C ALA B 555 12.97 -9.89 6.31
N MET B 556 13.05 -10.92 5.46
CA MET B 556 13.57 -12.21 5.88
C MET B 556 15.01 -12.08 6.34
N PHE B 557 15.84 -11.37 5.57
CA PHE B 557 17.25 -11.25 5.91
C PHE B 557 17.45 -10.41 7.16
N LEU B 558 16.68 -9.33 7.32
CA LEU B 558 16.89 -8.43 8.45
C LEU B 558 16.34 -8.97 9.77
N THR B 559 15.50 -10.01 9.72
CA THR B 559 14.94 -10.61 10.93
C THR B 559 15.50 -12.00 11.20
N ASP B 560 16.58 -12.39 10.52
CA ASP B 560 17.22 -13.71 10.71
C ASP B 560 16.21 -14.84 10.51
N SER B 561 15.40 -14.72 9.46
CA SER B 561 14.37 -15.70 9.15
C SER B 561 14.70 -16.38 7.82
N ASN B 562 14.67 -17.70 7.81
CA ASN B 562 14.90 -18.48 6.59
C ASN B 562 13.61 -18.90 5.91
N ASN B 563 12.46 -18.49 6.43
CA ASN B 563 11.15 -18.88 5.90
C ASN B 563 10.33 -17.62 5.65
N ILE B 564 9.69 -17.55 4.49
CA ILE B 564 8.88 -16.38 4.16
C ILE B 564 7.66 -16.27 5.08
N LYS B 565 7.17 -17.41 5.59
CA LYS B 565 5.98 -17.39 6.43
C LYS B 565 6.20 -16.64 7.74
N GLU B 566 7.46 -16.53 8.19
CA GLU B 566 7.73 -15.77 9.40
C GLU B 566 7.47 -14.28 9.21
N VAL B 567 7.85 -13.74 8.05
CA VAL B 567 7.69 -12.31 7.80
C VAL B 567 6.32 -11.95 7.24
N LEU B 568 5.46 -12.94 7.02
CA LEU B 568 4.10 -12.71 6.55
C LEU B 568 3.14 -12.86 7.72
N LEU B 569 2.21 -11.90 7.86
CA LEU B 569 1.30 -11.91 8.98
C LEU B 569 0.44 -13.15 8.99
N PHE B 570 -0.22 -13.45 7.86
CA PHE B 570 -1.06 -14.63 7.71
C PHE B 570 -0.63 -15.35 6.42
N PRO B 571 0.45 -16.12 6.48
CA PRO B 571 0.90 -16.84 5.28
C PRO B 571 -0.17 -17.82 4.80
N ALA B 572 -0.29 -17.93 3.48
CA ALA B 572 -1.33 -18.75 2.86
C ALA B 572 -0.88 -20.21 2.88
N MET B 573 -1.26 -20.90 3.94
CA MET B 573 -1.02 -22.35 4.02
C MET B 573 -2.04 -23.11 3.19
N LYS B 574 -1.73 -24.39 2.95
CA LYS B 574 -2.68 -25.28 2.32
C LYS B 574 -3.86 -25.53 3.28
N PRO B 575 -5.05 -25.82 2.74
CA PRO B 575 -6.19 -26.06 3.62
C PRO B 575 -6.08 -27.39 4.33
N GLU B 576 -7.01 -27.62 5.27
CA GLU B 576 -7.02 -28.83 6.08
C GLU B 576 -7.14 -30.09 5.22
N LYS D . -14.63 -1.85 8.51
CA LYS D . -15.29 -0.57 8.87
C LYS D . -15.31 0.35 7.62
O LYS D . -15.29 1.56 7.80
CB LYS D . -14.57 0.09 10.04
CG LYS D . -15.45 0.38 11.25
CD LYS D . -15.18 -0.56 12.40
CE LYS D . -15.51 -1.98 12.10
NZ LYS D . -16.34 -2.60 13.13
OXT LYS D . -15.34 -0.20 6.51
P AMP E . -18.46 1.05 3.41
O1P AMP E . -18.34 1.64 4.80
O2P AMP E . -19.88 1.02 2.90
O3P AMP E . -17.75 -0.29 3.29
O5' AMP E . -17.65 2.06 2.44
C5' AMP E . -16.29 2.41 2.78
C4' AMP E . -15.68 3.18 1.63
O4' AMP E . -15.66 2.33 0.45
C3' AMP E . -16.41 4.46 1.20
O3' AMP E . -15.50 5.55 1.12
C2' AMP E . -16.98 4.12 -0.17
O2' AMP E . -17.09 5.23 -1.03
C1' AMP E . -15.93 3.13 -0.67
N9 AMP E . -16.42 2.27 -1.75
C8 AMP E . -17.21 1.15 -1.62
N7 AMP E . -17.49 0.58 -2.76
C5 AMP E . -16.84 1.36 -3.71
C6 AMP E . -16.75 1.28 -5.10
N6 AMP E . -17.33 0.33 -5.83
N1 AMP E . -16.03 2.23 -5.74
C2 AMP E . -15.44 3.19 -5.01
N3 AMP E . -15.45 3.37 -3.69
C4 AMP E . -16.18 2.41 -3.09
N LYS F . 10.67 -4.32 -12.22
CA LYS F . 11.80 -4.00 -13.14
C LYS F . 13.12 -4.25 -12.41
O LYS F . 13.18 -3.94 -11.23
CB LYS F . 11.84 -2.53 -13.55
CG LYS F . 12.38 -2.31 -14.95
CD LYS F . 11.29 -2.46 -16.00
CE LYS F . 11.66 -3.27 -17.19
NZ LYS F . 12.75 -2.63 -17.92
OXT LYS F . 14.04 -4.74 -13.05
P AMP G . 11.88 -8.20 -7.95
O1P AMP G . 12.45 -7.58 -9.20
O2P AMP G . 12.95 -8.48 -6.91
O3P AMP G . 10.70 -7.45 -7.41
O5' AMP G . 11.29 -9.62 -8.42
C5' AMP G . 10.23 -10.23 -7.65
C4' AMP G . 10.73 -10.46 -6.24
O4' AMP G . 9.76 -11.27 -5.53
C3' AMP G . 12.04 -11.25 -6.13
O3' AMP G . 12.68 -10.98 -4.90
C2' AMP G . 11.50 -12.68 -6.21
O2' AMP G . 12.42 -13.64 -5.75
C1' AMP G . 10.26 -12.56 -5.32
N9 AMP G . 9.22 -13.50 -5.66
C8 AMP G . 8.96 -14.04 -6.90
N7 AMP G . 7.95 -14.85 -6.90
C5 AMP G . 7.50 -14.86 -5.59
C6 AMP G . 6.45 -15.53 -4.95
N6 AMP G . 5.63 -16.36 -5.58
N1 AMP G . 6.27 -15.30 -3.63
C2 AMP G . 7.11 -14.47 -3.01
N3 AMP G . 8.13 -13.78 -3.50
C4 AMP G . 8.28 -14.02 -4.81
NA NA H . -1.98 28.91 -43.20
#